data_2ENE
#
_entry.id   2ENE
#
loop_
_entity.id
_entity.type
_entity.pdbx_description
1 polymer 'Zinc finger protein 347'
2 non-polymer 'ZINC ION'
#
_entity_poly.entity_id   1
_entity_poly.type   'polypeptide(L)'
_entity_poly.pdbx_seq_one_letter_code
;GSSGSSGTGEKPYKCNECGKVFRHNSYLSRHQRIHTGEKPSGPSSG
;
_entity_poly.pdbx_strand_id   A
#
# COMPACT_ATOMS: atom_id res chain seq x y z
N GLY A 1 5.26 10.82 -3.98
CA GLY A 1 4.30 9.96 -4.62
C GLY A 1 4.92 8.67 -5.13
N SER A 2 4.69 8.36 -6.39
CA SER A 2 5.24 7.14 -7.00
C SER A 2 6.65 7.39 -7.54
N SER A 3 7.63 7.33 -6.65
CA SER A 3 9.02 7.55 -7.04
C SER A 3 9.81 6.25 -6.97
N GLY A 4 9.80 5.49 -8.06
CA GLY A 4 10.52 4.23 -8.09
C GLY A 4 9.80 3.17 -8.91
N SER A 5 10.32 2.89 -10.10
CA SER A 5 9.73 1.90 -10.97
C SER A 5 9.58 0.55 -10.26
N SER A 6 10.63 0.16 -9.55
CA SER A 6 10.61 -1.11 -8.82
C SER A 6 11.20 -0.93 -7.42
N GLY A 7 10.42 -1.31 -6.41
CA GLY A 7 10.87 -1.19 -5.04
C GLY A 7 11.12 -2.53 -4.38
N THR A 8 12.17 -2.62 -3.58
CA THR A 8 12.52 -3.86 -2.90
C THR A 8 12.59 -3.65 -1.39
N GLY A 9 11.80 -4.43 -0.66
CA GLY A 9 11.79 -4.32 0.79
C GLY A 9 12.24 -5.59 1.47
N GLU A 10 12.16 -5.62 2.79
CA GLU A 10 12.57 -6.78 3.57
C GLU A 10 11.39 -7.73 3.78
N LYS A 11 10.22 -7.32 3.33
CA LYS A 11 9.01 -8.13 3.46
C LYS A 11 8.43 -8.47 2.10
N PRO A 12 7.87 -9.68 1.99
CA PRO A 12 7.27 -10.15 0.73
C PRO A 12 5.97 -9.43 0.41
N TYR A 13 5.45 -8.69 1.38
CA TYR A 13 4.21 -7.94 1.19
C TYR A 13 4.45 -6.44 1.34
N LYS A 14 4.39 -5.73 0.22
CA LYS A 14 4.60 -4.29 0.22
C LYS A 14 3.63 -3.60 -0.74
N CYS A 15 3.01 -2.53 -0.28
CA CYS A 15 2.06 -1.78 -1.10
C CYS A 15 2.78 -1.01 -2.21
N ASN A 16 2.11 -0.87 -3.35
CA ASN A 16 2.69 -0.15 -4.48
C ASN A 16 2.11 1.24 -4.61
N GLU A 17 0.85 1.39 -4.18
CA GLU A 17 0.18 2.69 -4.25
C GLU A 17 0.91 3.73 -3.41
N CYS A 18 1.13 3.39 -2.14
CA CYS A 18 1.82 4.31 -1.22
C CYS A 18 3.28 3.91 -1.06
N GLY A 19 3.53 2.60 -0.96
CA GLY A 19 4.89 2.11 -0.80
C GLY A 19 5.09 1.40 0.52
N LYS A 20 4.26 1.72 1.50
CA LYS A 20 4.36 1.10 2.82
C LYS A 20 4.54 -0.40 2.71
N VAL A 21 5.09 -1.01 3.75
CA VAL A 21 5.31 -2.46 3.76
C VAL A 21 4.59 -3.12 4.93
N PHE A 22 4.12 -4.34 4.72
CA PHE A 22 3.41 -5.08 5.75
C PHE A 22 4.02 -6.46 5.94
N ARG A 23 3.57 -7.16 6.97
CA ARG A 23 4.07 -8.50 7.27
C ARG A 23 3.20 -9.57 6.61
N HIS A 24 1.90 -9.49 6.85
CA HIS A 24 0.96 -10.44 6.27
C HIS A 24 0.14 -9.80 5.17
N ASN A 25 -0.32 -10.62 4.22
CA ASN A 25 -1.11 -10.12 3.10
C ASN A 25 -2.41 -9.50 3.59
N SER A 26 -3.11 -10.21 4.46
CA SER A 26 -4.37 -9.73 5.00
C SER A 26 -4.31 -8.23 5.29
N TYR A 27 -3.25 -7.82 5.99
CA TYR A 27 -3.06 -6.42 6.34
C TYR A 27 -2.85 -5.58 5.09
N LEU A 28 -2.20 -6.16 4.09
CA LEU A 28 -1.93 -5.47 2.83
C LEU A 28 -3.22 -5.25 2.04
N SER A 29 -3.93 -6.34 1.76
CA SER A 29 -5.18 -6.27 1.01
C SER A 29 -6.15 -5.29 1.66
N ARG A 30 -6.36 -5.45 2.96
CA ARG A 30 -7.26 -4.58 3.70
C ARG A 30 -6.79 -3.13 3.65
N HIS A 31 -5.48 -2.94 3.71
CA HIS A 31 -4.90 -1.60 3.67
C HIS A 31 -5.13 -0.96 2.31
N GLN A 32 -4.62 -1.60 1.26
CA GLN A 32 -4.77 -1.09 -0.10
C GLN A 32 -6.15 -0.48 -0.31
N ARG A 33 -7.12 -0.94 0.47
CA ARG A 33 -8.49 -0.45 0.37
C ARG A 33 -8.51 1.08 0.38
N ILE A 34 -7.80 1.67 1.34
CA ILE A 34 -7.74 3.12 1.45
C ILE A 34 -7.45 3.77 0.10
N HIS A 35 -6.81 3.01 -0.78
CA HIS A 35 -6.48 3.51 -2.11
C HIS A 35 -7.64 3.28 -3.09
N THR A 36 -7.92 2.02 -3.37
CA THR A 36 -9.00 1.66 -4.29
C THR A 36 -10.26 2.47 -3.99
N GLY A 37 -11.24 2.38 -4.89
CA GLY A 37 -12.48 3.10 -4.70
C GLY A 37 -12.63 4.26 -5.67
N GLU A 38 -13.36 4.03 -6.76
CA GLU A 38 -13.57 5.07 -7.77
C GLU A 38 -14.66 4.65 -8.76
N LYS A 39 -15.18 5.62 -9.49
CA LYS A 39 -16.23 5.35 -10.48
C LYS A 39 -15.84 4.18 -11.37
N PRO A 40 -16.84 3.37 -11.76
CA PRO A 40 -16.62 2.21 -12.63
C PRO A 40 -16.27 2.61 -14.06
N SER A 41 -15.13 2.12 -14.53
CA SER A 41 -14.69 2.42 -15.89
C SER A 41 -14.73 1.18 -16.78
N GLY A 42 -14.11 0.10 -16.31
CA GLY A 42 -14.10 -1.14 -17.07
C GLY A 42 -14.57 -2.32 -16.26
N PRO A 43 -15.25 -3.27 -16.93
CA PRO A 43 -15.77 -4.47 -16.27
C PRO A 43 -14.66 -5.43 -15.85
N SER A 44 -14.42 -5.51 -14.55
CA SER A 44 -13.39 -6.38 -14.01
C SER A 44 -14.00 -7.58 -13.29
N SER A 45 -14.90 -7.30 -12.36
CA SER A 45 -15.57 -8.36 -11.60
C SER A 45 -17.02 -8.00 -11.34
N GLY A 46 -17.89 -9.01 -11.42
CA GLY A 46 -19.31 -8.79 -11.19
C GLY A 46 -20.07 -10.08 -10.99
N GLY A 1 9.99 17.24 11.82
CA GLY A 1 10.92 17.46 10.73
C GLY A 1 11.56 16.17 10.22
N SER A 2 12.22 15.46 11.12
CA SER A 2 12.88 14.20 10.76
C SER A 2 11.86 13.17 10.31
N SER A 3 12.15 12.49 9.20
CA SER A 3 11.25 11.48 8.66
C SER A 3 11.73 10.08 9.02
N GLY A 4 13.02 9.82 8.79
CA GLY A 4 13.58 8.52 9.11
C GLY A 4 13.51 7.56 7.93
N SER A 5 13.74 6.29 8.20
CA SER A 5 13.70 5.26 7.16
C SER A 5 13.07 3.98 7.67
N SER A 6 12.40 3.25 6.79
CA SER A 6 11.75 2.00 7.15
C SER A 6 12.46 0.81 6.53
N GLY A 7 13.28 0.14 7.35
CA GLY A 7 14.02 -1.01 6.87
C GLY A 7 13.61 -2.30 7.57
N THR A 8 14.51 -2.85 8.37
CA THR A 8 14.23 -4.09 9.10
C THR A 8 13.79 -5.19 8.15
N GLY A 9 14.60 -5.44 7.12
CA GLY A 9 14.28 -6.47 6.16
C GLY A 9 13.40 -5.96 5.02
N GLU A 10 13.19 -6.81 4.02
CA GLU A 10 12.37 -6.43 2.88
C GLU A 10 11.23 -7.42 2.67
N LYS A 11 10.17 -7.26 3.46
CA LYS A 11 9.01 -8.14 3.38
C LYS A 11 8.54 -8.27 1.93
N PRO A 12 8.07 -9.46 1.56
CA PRO A 12 7.57 -9.74 0.21
C PRO A 12 6.25 -9.03 -0.08
N TYR A 13 5.64 -8.48 0.97
CA TYR A 13 4.37 -7.76 0.82
C TYR A 13 4.55 -6.27 1.08
N LYS A 14 4.54 -5.49 0.01
CA LYS A 14 4.71 -4.05 0.12
C LYS A 14 3.69 -3.31 -0.76
N CYS A 15 3.00 -2.33 -0.18
CA CYS A 15 2.01 -1.57 -0.91
C CYS A 15 2.66 -0.81 -2.07
N ASN A 16 2.28 -1.16 -3.29
CA ASN A 16 2.81 -0.52 -4.48
C ASN A 16 2.00 0.71 -4.86
N GLU A 17 1.14 1.15 -3.94
CA GLU A 17 0.30 2.32 -4.17
C GLU A 17 0.82 3.53 -3.40
N CYS A 18 1.40 3.28 -2.23
CA CYS A 18 1.95 4.34 -1.40
C CYS A 18 3.41 4.10 -1.10
N GLY A 19 3.74 2.86 -0.73
CA GLY A 19 5.12 2.51 -0.42
C GLY A 19 5.25 1.89 0.96
N LYS A 20 4.13 1.50 1.54
CA LYS A 20 4.13 0.88 2.86
C LYS A 20 4.46 -0.61 2.77
N VAL A 21 4.74 -1.22 3.91
CA VAL A 21 5.08 -2.64 3.96
C VAL A 21 4.36 -3.33 5.11
N PHE A 22 4.00 -4.60 4.89
CA PHE A 22 3.30 -5.38 5.91
C PHE A 22 3.83 -6.81 5.95
N ARG A 23 3.66 -7.47 7.09
CA ARG A 23 4.13 -8.84 7.26
C ARG A 23 3.16 -9.82 6.62
N HIS A 24 1.88 -9.69 6.97
CA HIS A 24 0.84 -10.57 6.42
C HIS A 24 0.04 -9.86 5.33
N ASN A 25 -0.35 -10.61 4.30
CA ASN A 25 -1.11 -10.05 3.20
C ASN A 25 -2.42 -9.46 3.70
N SER A 26 -3.12 -10.19 4.56
CA SER A 26 -4.40 -9.74 5.10
C SER A 26 -4.33 -8.26 5.48
N TYR A 27 -3.20 -7.87 6.08
CA TYR A 27 -3.01 -6.49 6.51
C TYR A 27 -2.80 -5.57 5.30
N LEU A 28 -2.12 -6.10 4.29
CA LEU A 28 -1.84 -5.33 3.08
C LEU A 28 -3.13 -5.08 2.29
N SER A 29 -3.85 -6.15 1.99
CA SER A 29 -5.10 -6.05 1.24
C SER A 29 -6.05 -5.07 1.90
N ARG A 30 -6.34 -5.31 3.19
CA ARG A 30 -7.25 -4.44 3.94
C ARG A 30 -6.82 -2.98 3.83
N HIS A 31 -5.52 -2.76 3.67
CA HIS A 31 -4.99 -1.40 3.55
C HIS A 31 -5.25 -0.84 2.16
N GLN A 32 -5.02 -1.66 1.14
CA GLN A 32 -5.22 -1.24 -0.25
C GLN A 32 -6.60 -0.59 -0.41
N ARG A 33 -7.49 -0.86 0.53
CA ARG A 33 -8.83 -0.31 0.49
C ARG A 33 -8.79 1.21 0.29
N ILE A 34 -8.02 1.88 1.13
CA ILE A 34 -7.90 3.34 1.05
C ILE A 34 -7.45 3.77 -0.36
N HIS A 35 -6.78 2.87 -1.06
CA HIS A 35 -6.30 3.16 -2.41
C HIS A 35 -7.41 2.90 -3.44
N THR A 36 -7.75 1.64 -3.62
CA THR A 36 -8.79 1.26 -4.58
C THR A 36 -10.10 1.97 -4.27
N GLY A 37 -10.52 1.90 -3.01
CA GLY A 37 -11.76 2.55 -2.61
C GLY A 37 -12.92 2.17 -3.50
N GLU A 38 -13.73 1.21 -3.05
CA GLU A 38 -14.88 0.76 -3.82
C GLU A 38 -16.07 1.70 -3.63
N LYS A 39 -16.42 2.42 -4.68
CA LYS A 39 -17.54 3.36 -4.64
C LYS A 39 -18.61 2.98 -5.65
N PRO A 40 -19.87 3.33 -5.35
CA PRO A 40 -21.00 3.05 -6.22
C PRO A 40 -20.97 3.87 -7.51
N SER A 41 -19.92 4.67 -7.67
CA SER A 41 -19.78 5.52 -8.84
C SER A 41 -20.34 4.84 -10.08
N GLY A 42 -19.92 3.59 -10.30
CA GLY A 42 -20.39 2.84 -11.46
C GLY A 42 -19.35 1.87 -11.98
N PRO A 43 -19.05 0.82 -11.20
CA PRO A 43 -18.07 -0.19 -11.57
C PRO A 43 -18.55 -1.07 -12.73
N SER A 44 -17.77 -2.08 -13.06
CA SER A 44 -18.11 -3.00 -14.15
C SER A 44 -19.00 -4.12 -13.66
N SER A 45 -20.26 -4.11 -14.10
CA SER A 45 -21.22 -5.13 -13.69
C SER A 45 -22.19 -5.43 -14.81
N GLY A 46 -22.92 -6.54 -14.69
CA GLY A 46 -23.89 -6.91 -15.71
C GLY A 46 -24.15 -8.40 -15.73
N GLY A 1 12.57 13.90 6.33
CA GLY A 1 13.87 13.88 6.97
C GLY A 1 14.01 12.77 7.99
N SER A 2 14.55 13.08 9.15
CA SER A 2 14.73 12.10 10.21
C SER A 2 13.39 11.60 10.72
N SER A 3 13.27 10.28 10.85
CA SER A 3 12.03 9.67 11.32
C SER A 3 12.22 8.17 11.53
N GLY A 4 12.01 7.73 12.77
CA GLY A 4 12.17 6.32 13.10
C GLY A 4 10.98 5.49 12.64
N SER A 5 10.98 5.14 11.36
CA SER A 5 9.89 4.34 10.79
C SER A 5 10.40 3.02 10.24
N SER A 6 9.76 1.93 10.63
CA SER A 6 10.15 0.60 10.18
C SER A 6 9.91 0.44 8.68
N GLY A 7 10.96 0.66 7.90
CA GLY A 7 10.85 0.54 6.45
C GLY A 7 11.88 -0.40 5.86
N THR A 8 13.10 -0.34 6.39
CA THR A 8 14.18 -1.19 5.90
C THR A 8 13.68 -2.58 5.55
N GLY A 9 12.77 -3.11 6.37
CA GLY A 9 12.22 -4.42 6.12
C GLY A 9 11.93 -4.66 4.65
N GLU A 10 12.30 -5.84 4.15
CA GLU A 10 12.09 -6.18 2.76
C GLU A 10 11.02 -7.28 2.63
N LYS A 11 9.97 -7.16 3.43
CA LYS A 11 8.88 -8.14 3.40
C LYS A 11 8.41 -8.39 1.97
N PRO A 12 7.93 -9.61 1.72
CA PRO A 12 7.44 -10.02 0.40
C PRO A 12 6.13 -9.31 0.03
N TYR A 13 5.53 -8.64 1.00
CA TYR A 13 4.28 -7.93 0.78
C TYR A 13 4.47 -6.43 0.96
N LYS A 14 4.62 -5.72 -0.15
CA LYS A 14 4.81 -4.27 -0.12
C LYS A 14 3.78 -3.58 -1.01
N CYS A 15 3.26 -2.45 -0.52
CA CYS A 15 2.26 -1.69 -1.26
C CYS A 15 2.94 -0.83 -2.33
N ASN A 16 2.42 -0.90 -3.55
CA ASN A 16 2.97 -0.12 -4.66
C ASN A 16 2.25 1.22 -4.79
N GLU A 17 1.09 1.33 -4.16
CA GLU A 17 0.31 2.56 -4.20
C GLU A 17 1.00 3.67 -3.41
N CYS A 18 1.34 3.37 -2.17
CA CYS A 18 2.01 4.35 -1.30
C CYS A 18 3.44 3.91 -1.01
N GLY A 19 3.62 2.64 -0.70
CA GLY A 19 4.94 2.11 -0.40
C GLY A 19 4.98 1.33 0.89
N LYS A 20 4.07 1.66 1.82
CA LYS A 20 4.00 0.98 3.11
C LYS A 20 4.19 -0.52 2.93
N VAL A 21 4.78 -1.15 3.94
CA VAL A 21 5.02 -2.59 3.91
C VAL A 21 4.30 -3.30 5.05
N PHE A 22 3.97 -4.57 4.83
CA PHE A 22 3.27 -5.35 5.85
C PHE A 22 3.81 -6.78 5.89
N ARG A 23 3.72 -7.40 7.06
CA ARG A 23 4.20 -8.77 7.23
C ARG A 23 3.19 -9.77 6.68
N HIS A 24 1.92 -9.58 7.02
CA HIS A 24 0.86 -10.47 6.56
C HIS A 24 0.03 -9.80 5.47
N ASN A 25 -0.29 -10.55 4.41
CA ASN A 25 -1.07 -10.02 3.31
C ASN A 25 -2.37 -9.40 3.83
N SER A 26 -3.06 -10.12 4.71
CA SER A 26 -4.31 -9.63 5.27
C SER A 26 -4.26 -8.14 5.54
N TYR A 27 -3.14 -7.68 6.10
CA TYR A 27 -2.95 -6.27 6.41
C TYR A 27 -2.81 -5.45 5.13
N LEU A 28 -2.14 -6.03 4.14
CA LEU A 28 -1.93 -5.36 2.86
C LEU A 28 -3.25 -5.20 2.10
N SER A 29 -3.98 -6.31 1.96
CA SER A 29 -5.26 -6.30 1.25
C SER A 29 -6.23 -5.33 1.91
N ARG A 30 -6.35 -5.41 3.23
CA ARG A 30 -7.24 -4.54 3.98
C ARG A 30 -6.78 -3.08 3.90
N HIS A 31 -5.50 -2.89 3.63
CA HIS A 31 -4.93 -1.55 3.52
C HIS A 31 -5.21 -0.96 2.13
N GLN A 32 -4.78 -1.66 1.10
CA GLN A 32 -4.97 -1.20 -0.27
C GLN A 32 -6.34 -0.56 -0.44
N ARG A 33 -7.29 -0.96 0.40
CA ARG A 33 -8.64 -0.42 0.35
C ARG A 33 -8.62 1.11 0.32
N ILE A 34 -7.87 1.71 1.24
CA ILE A 34 -7.76 3.16 1.30
C ILE A 34 -7.33 3.75 -0.03
N HIS A 35 -6.77 2.90 -0.89
CA HIS A 35 -6.33 3.34 -2.21
C HIS A 35 -7.40 3.08 -3.26
N THR A 36 -7.80 1.82 -3.40
CA THR A 36 -8.82 1.44 -4.36
C THR A 36 -10.16 2.09 -4.04
N GLY A 37 -10.58 3.03 -4.88
CA GLY A 37 -11.84 3.71 -4.67
C GLY A 37 -12.77 3.61 -5.86
N GLU A 38 -13.47 2.49 -5.96
CA GLU A 38 -14.40 2.26 -7.06
C GLU A 38 -15.77 1.84 -6.55
N LYS A 39 -16.71 2.78 -6.54
CA LYS A 39 -18.07 2.50 -6.08
C LYS A 39 -19.09 3.31 -6.87
N PRO A 40 -20.30 2.73 -7.03
CA PRO A 40 -21.39 3.38 -7.77
C PRO A 40 -21.94 4.59 -7.04
N SER A 41 -22.41 5.58 -7.80
CA SER A 41 -22.96 6.80 -7.23
C SER A 41 -24.36 6.55 -6.65
N GLY A 42 -25.22 5.94 -7.47
CA GLY A 42 -26.58 5.66 -7.02
C GLY A 42 -26.60 4.89 -5.71
N PRO A 43 -27.81 4.73 -5.15
CA PRO A 43 -28.00 4.01 -3.88
C PRO A 43 -27.75 2.51 -4.02
N SER A 44 -27.35 1.88 -2.94
CA SER A 44 -27.08 0.45 -2.93
C SER A 44 -28.36 -0.35 -2.73
N SER A 45 -28.66 -1.22 -3.68
CA SER A 45 -29.87 -2.04 -3.61
C SER A 45 -29.51 -3.51 -3.37
N GLY A 46 -29.55 -3.91 -2.09
CA GLY A 46 -29.24 -5.28 -1.75
C GLY A 46 -27.81 -5.65 -2.10
N GLY A 1 5.26 10.35 -3.85
CA GLY A 1 5.97 11.14 -2.85
C GLY A 1 5.88 10.53 -1.47
N SER A 2 6.99 9.96 -1.00
CA SER A 2 7.04 9.34 0.32
C SER A 2 8.44 9.40 0.90
N SER A 3 8.59 8.91 2.13
CA SER A 3 9.88 8.91 2.80
C SER A 3 10.54 7.54 2.70
N GLY A 4 11.81 7.46 3.13
CA GLY A 4 12.53 6.21 3.08
C GLY A 4 13.35 5.97 4.33
N SER A 5 12.89 5.05 5.16
CA SER A 5 13.58 4.72 6.40
C SER A 5 13.28 3.29 6.84
N SER A 6 14.33 2.48 6.93
CA SER A 6 14.19 1.09 7.33
C SER A 6 13.14 0.94 8.42
N GLY A 7 12.51 -0.24 8.49
CA GLY A 7 11.49 -0.48 9.49
C GLY A 7 11.06 -1.93 9.54
N THR A 8 10.58 -2.43 8.40
CA THR A 8 10.12 -3.83 8.31
C THR A 8 10.89 -4.58 7.24
N GLY A 9 12.22 -4.57 7.35
CA GLY A 9 13.05 -5.27 6.38
C GLY A 9 12.50 -5.15 4.96
N GLU A 10 12.59 -6.24 4.21
CA GLU A 10 12.10 -6.25 2.83
C GLU A 10 11.02 -7.31 2.64
N LYS A 11 10.03 -7.30 3.53
CA LYS A 11 8.93 -8.25 3.46
C LYS A 11 8.42 -8.39 2.02
N PRO A 12 7.96 -9.61 1.67
CA PRO A 12 7.44 -9.89 0.34
C PRO A 12 6.09 -9.20 0.08
N TYR A 13 5.56 -8.55 1.11
CA TYR A 13 4.29 -7.85 1.00
C TYR A 13 4.46 -6.36 1.25
N LYS A 14 4.44 -5.57 0.18
CA LYS A 14 4.58 -4.12 0.29
C LYS A 14 3.65 -3.41 -0.69
N CYS A 15 2.89 -2.45 -0.16
CA CYS A 15 1.96 -1.68 -0.99
C CYS A 15 2.67 -1.05 -2.18
N ASN A 16 2.09 -1.22 -3.36
CA ASN A 16 2.67 -0.67 -4.58
C ASN A 16 1.98 0.63 -4.98
N GLU A 17 1.21 1.19 -4.05
CA GLU A 17 0.49 2.43 -4.31
C GLU A 17 1.10 3.59 -3.51
N CYS A 18 1.50 3.30 -2.27
CA CYS A 18 2.11 4.31 -1.41
C CYS A 18 3.54 3.92 -1.05
N GLY A 19 3.76 2.63 -0.79
CA GLY A 19 5.08 2.17 -0.43
C GLY A 19 5.09 1.42 0.89
N LYS A 20 4.08 1.66 1.71
CA LYS A 20 3.97 1.00 3.01
C LYS A 20 4.24 -0.49 2.89
N VAL A 21 4.83 -1.07 3.93
CA VAL A 21 5.14 -2.50 3.94
C VAL A 21 4.43 -3.21 5.09
N PHE A 22 4.11 -4.48 4.88
CA PHE A 22 3.42 -5.27 5.90
C PHE A 22 3.97 -6.70 5.94
N ARG A 23 3.86 -7.32 7.10
CA ARG A 23 4.36 -8.69 7.27
C ARG A 23 3.44 -9.69 6.59
N HIS A 24 2.14 -9.63 6.90
CA HIS A 24 1.16 -10.52 6.31
C HIS A 24 0.49 -9.87 5.09
N ASN A 25 -0.30 -10.66 4.37
CA ASN A 25 -1.00 -10.16 3.19
C ASN A 25 -2.35 -9.56 3.57
N SER A 26 -3.03 -10.20 4.51
CA SER A 26 -4.34 -9.73 4.95
C SER A 26 -4.28 -8.26 5.36
N TYR A 27 -3.15 -7.85 5.91
CA TYR A 27 -2.96 -6.47 6.36
C TYR A 27 -2.72 -5.55 5.16
N LEU A 28 -2.11 -6.10 4.11
CA LEU A 28 -1.81 -5.33 2.91
C LEU A 28 -3.09 -5.08 2.10
N SER A 29 -3.85 -6.14 1.88
CA SER A 29 -5.10 -6.04 1.12
C SER A 29 -6.08 -5.09 1.80
N ARG A 30 -6.38 -5.37 3.06
CA ARG A 30 -7.31 -4.55 3.83
C ARG A 30 -6.87 -3.08 3.80
N HIS A 31 -5.58 -2.86 3.60
CA HIS A 31 -5.03 -1.50 3.55
C HIS A 31 -5.31 -0.85 2.20
N GLN A 32 -5.08 -1.59 1.13
CA GLN A 32 -5.30 -1.09 -0.22
C GLN A 32 -6.68 -0.45 -0.34
N ARG A 33 -7.56 -0.79 0.60
CA ARG A 33 -8.91 -0.25 0.60
C ARG A 33 -8.90 1.28 0.49
N ILE A 34 -7.98 1.90 1.22
CA ILE A 34 -7.86 3.35 1.20
C ILE A 34 -7.36 3.86 -0.15
N HIS A 35 -6.77 2.94 -0.92
CA HIS A 35 -6.24 3.28 -2.24
C HIS A 35 -7.34 3.17 -3.31
N THR A 36 -8.02 2.03 -3.33
CA THR A 36 -9.08 1.79 -4.30
C THR A 36 -10.46 2.02 -3.67
N GLY A 37 -11.32 2.72 -4.39
CA GLY A 37 -12.65 2.98 -3.90
C GLY A 37 -13.48 3.82 -4.86
N GLU A 38 -13.39 5.15 -4.71
CA GLU A 38 -14.14 6.06 -5.57
C GLU A 38 -13.19 6.99 -6.32
N LYS A 39 -13.38 7.08 -7.64
CA LYS A 39 -12.56 7.93 -8.47
C LYS A 39 -13.35 9.11 -9.02
N PRO A 40 -12.65 10.20 -9.37
CA PRO A 40 -13.28 11.41 -9.92
C PRO A 40 -13.83 11.19 -11.31
N SER A 41 -14.15 12.29 -11.99
CA SER A 41 -14.69 12.21 -13.35
C SER A 41 -14.03 11.09 -14.14
N GLY A 42 -14.82 10.07 -14.47
CA GLY A 42 -14.31 8.94 -15.22
C GLY A 42 -15.21 7.73 -15.14
N PRO A 43 -16.25 7.70 -16.01
CA PRO A 43 -17.20 6.59 -16.05
C PRO A 43 -16.59 5.31 -16.59
N SER A 44 -15.31 5.38 -16.94
CA SER A 44 -14.60 4.23 -17.48
C SER A 44 -14.90 2.97 -16.65
N SER A 45 -14.68 1.81 -17.25
CA SER A 45 -14.92 0.54 -16.57
C SER A 45 -14.02 0.40 -15.35
N GLY A 46 -14.53 -0.26 -14.32
CA GLY A 46 -13.77 -0.45 -13.10
C GLY A 46 -14.55 -0.12 -11.86
N GLY A 1 20.20 15.27 -5.44
CA GLY A 1 19.32 14.82 -4.38
C GLY A 1 19.32 13.30 -4.24
N SER A 2 19.39 12.82 -3.00
CA SER A 2 19.40 11.39 -2.73
C SER A 2 18.16 10.98 -1.94
N SER A 3 17.30 10.18 -2.58
CA SER A 3 16.07 9.72 -1.94
C SER A 3 16.35 8.53 -1.02
N GLY A 4 16.87 7.45 -1.61
CA GLY A 4 17.18 6.26 -0.84
C GLY A 4 17.53 5.08 -1.71
N SER A 5 18.60 4.36 -1.34
CA SER A 5 19.04 3.21 -2.10
C SER A 5 18.71 1.91 -1.37
N SER A 6 19.28 1.76 -0.17
CA SER A 6 19.05 0.57 0.63
C SER A 6 18.41 0.93 1.96
N GLY A 7 17.23 0.36 2.22
CA GLY A 7 16.53 0.63 3.45
C GLY A 7 16.74 -0.45 4.49
N THR A 8 16.07 -0.31 5.64
CA THR A 8 16.20 -1.27 6.72
C THR A 8 15.02 -2.22 6.75
N GLY A 9 15.30 -3.52 6.61
CA GLY A 9 14.24 -4.51 6.62
C GLY A 9 13.31 -4.39 5.44
N GLU A 10 12.94 -5.52 4.85
CA GLU A 10 12.05 -5.52 3.69
C GLU A 10 11.27 -6.83 3.62
N LYS A 11 9.94 -6.72 3.59
CA LYS A 11 9.07 -7.88 3.52
C LYS A 11 8.65 -8.17 2.09
N PRO A 12 8.23 -9.41 1.83
CA PRO A 12 7.79 -9.84 0.50
C PRO A 12 6.47 -9.21 0.09
N TYR A 13 5.88 -8.44 1.00
CA TYR A 13 4.61 -7.78 0.74
C TYR A 13 4.74 -6.26 0.90
N LYS A 14 4.70 -5.55 -0.22
CA LYS A 14 4.81 -4.10 -0.22
C LYS A 14 3.74 -3.47 -1.09
N CYS A 15 3.04 -2.48 -0.55
CA CYS A 15 1.98 -1.80 -1.28
C CYS A 15 2.56 -1.03 -2.48
N ASN A 16 2.08 -1.36 -3.66
CA ASN A 16 2.55 -0.71 -4.88
C ASN A 16 1.72 0.53 -5.20
N GLU A 17 0.94 0.97 -4.21
CA GLU A 17 0.10 2.15 -4.37
C GLU A 17 0.70 3.36 -3.67
N CYS A 18 1.32 3.12 -2.52
CA CYS A 18 1.94 4.19 -1.75
C CYS A 18 3.36 3.81 -1.35
N GLY A 19 3.53 2.58 -0.87
CA GLY A 19 4.84 2.12 -0.45
C GLY A 19 4.79 1.32 0.83
N LYS A 20 3.78 1.58 1.66
CA LYS A 20 3.62 0.87 2.92
C LYS A 20 3.99 -0.60 2.77
N VAL A 21 4.37 -1.22 3.88
CA VAL A 21 4.75 -2.64 3.87
C VAL A 21 4.12 -3.38 5.05
N PHE A 22 3.84 -4.66 4.86
CA PHE A 22 3.24 -5.48 5.90
C PHE A 22 3.80 -6.91 5.87
N ARG A 23 3.43 -7.70 6.86
CA ARG A 23 3.90 -9.08 6.95
C ARG A 23 2.92 -10.04 6.28
N HIS A 24 1.67 -10.03 6.75
CA HIS A 24 0.63 -10.88 6.20
C HIS A 24 -0.16 -10.15 5.13
N ASN A 25 -0.41 -10.83 4.01
CA ASN A 25 -1.17 -10.24 2.91
C ASN A 25 -2.51 -9.69 3.40
N SER A 26 -3.05 -10.31 4.44
CA SER A 26 -4.33 -9.87 5.00
C SER A 26 -4.29 -8.40 5.39
N TYR A 27 -3.20 -8.00 6.06
CA TYR A 27 -3.04 -6.62 6.48
C TYR A 27 -2.75 -5.71 5.30
N LEU A 28 -2.10 -6.26 4.28
CA LEU A 28 -1.77 -5.50 3.07
C LEU A 28 -3.03 -5.17 2.28
N SER A 29 -3.93 -6.14 2.19
CA SER A 29 -5.18 -5.95 1.45
C SER A 29 -6.07 -4.93 2.14
N ARG A 30 -6.35 -5.16 3.42
CA ARG A 30 -7.20 -4.26 4.20
C ARG A 30 -6.66 -2.83 4.15
N HIS A 31 -5.38 -2.70 3.80
CA HIS A 31 -4.74 -1.40 3.72
C HIS A 31 -4.95 -0.77 2.34
N GLN A 32 -4.56 -1.49 1.29
CA GLN A 32 -4.71 -1.02 -0.07
C GLN A 32 -6.05 -0.31 -0.25
N ARG A 33 -7.03 -0.67 0.57
CA ARG A 33 -8.35 -0.08 0.50
C ARG A 33 -8.27 1.44 0.50
N ILE A 34 -7.43 1.98 1.37
CA ILE A 34 -7.25 3.43 1.47
C ILE A 34 -7.05 4.05 0.09
N HIS A 35 -6.65 3.23 -0.88
CA HIS A 35 -6.42 3.70 -2.23
C HIS A 35 -7.64 3.43 -3.11
N THR A 36 -8.01 2.17 -3.24
CA THR A 36 -9.16 1.79 -4.05
C THR A 36 -10.18 1.01 -3.23
N GLY A 37 -11.45 1.18 -3.57
CA GLY A 37 -12.52 0.49 -2.85
C GLY A 37 -13.80 0.40 -3.65
N GLU A 38 -14.92 0.67 -2.98
CA GLU A 38 -16.22 0.63 -3.64
C GLU A 38 -17.02 1.90 -3.37
N LYS A 39 -17.36 2.62 -4.43
CA LYS A 39 -18.12 3.85 -4.30
C LYS A 39 -19.60 3.62 -4.61
N PRO A 40 -20.47 4.32 -3.87
CA PRO A 40 -21.93 4.19 -4.05
C PRO A 40 -22.39 4.81 -5.37
N SER A 41 -22.70 3.96 -6.34
CA SER A 41 -23.15 4.42 -7.65
C SER A 41 -23.92 3.31 -8.38
N GLY A 42 -25.20 3.57 -8.65
CA GLY A 42 -26.02 2.59 -9.34
C GLY A 42 -27.02 1.93 -8.43
N PRO A 43 -27.49 0.74 -8.82
CA PRO A 43 -28.47 -0.03 -8.04
C PRO A 43 -27.87 -0.58 -6.75
N SER A 44 -28.18 0.07 -5.63
CA SER A 44 -27.68 -0.37 -4.34
C SER A 44 -28.83 -0.65 -3.37
N SER A 45 -29.28 -1.89 -3.37
CA SER A 45 -30.39 -2.30 -2.50
C SER A 45 -30.21 -1.71 -1.09
N GLY A 46 -28.99 -1.78 -0.57
CA GLY A 46 -28.72 -1.25 0.76
C GLY A 46 -27.58 -1.97 1.45
N GLY A 1 17.18 19.33 7.76
CA GLY A 1 16.14 18.40 8.17
C GLY A 1 16.65 16.99 8.36
N SER A 2 15.78 16.09 8.80
CA SER A 2 16.15 14.70 9.01
C SER A 2 14.91 13.82 9.14
N SER A 3 14.98 12.64 8.53
CA SER A 3 13.86 11.70 8.58
C SER A 3 14.15 10.54 9.52
N GLY A 4 13.13 9.74 9.81
CA GLY A 4 13.30 8.62 10.70
C GLY A 4 13.63 7.33 9.96
N SER A 5 14.09 6.33 10.70
CA SER A 5 14.45 5.05 10.11
C SER A 5 13.27 4.07 10.14
N SER A 6 12.40 4.17 9.13
CA SER A 6 11.23 3.31 9.06
C SER A 6 11.54 2.03 8.27
N GLY A 7 12.35 2.18 7.22
CA GLY A 7 12.71 1.04 6.39
C GLY A 7 11.89 0.96 5.12
N THR A 8 12.51 0.50 4.04
CA THR A 8 11.84 0.38 2.76
C THR A 8 12.27 -0.89 2.03
N GLY A 9 11.37 -1.86 1.94
CA GLY A 9 11.68 -3.11 1.27
C GLY A 9 12.33 -4.12 2.19
N GLU A 10 11.61 -4.51 3.23
CA GLU A 10 12.12 -5.48 4.19
C GLU A 10 11.20 -6.68 4.29
N LYS A 11 10.06 -6.63 3.59
CA LYS A 11 9.10 -7.72 3.59
C LYS A 11 8.70 -8.09 2.17
N PRO A 12 8.29 -9.36 1.98
CA PRO A 12 7.87 -9.87 0.68
C PRO A 12 6.54 -9.28 0.22
N TYR A 13 5.84 -8.63 1.15
CA TYR A 13 4.55 -8.02 0.84
C TYR A 13 4.62 -6.50 0.99
N LYS A 14 4.77 -5.81 -0.14
CA LYS A 14 4.84 -4.35 -0.15
C LYS A 14 3.68 -3.75 -0.93
N CYS A 15 3.24 -2.57 -0.51
CA CYS A 15 2.14 -1.88 -1.17
C CYS A 15 2.62 -1.16 -2.43
N ASN A 16 2.10 -1.58 -3.58
CA ASN A 16 2.47 -0.96 -4.85
C ASN A 16 1.61 0.26 -5.15
N GLU A 17 0.92 0.74 -4.12
CA GLU A 17 0.06 1.92 -4.27
C GLU A 17 0.65 3.13 -3.55
N CYS A 18 1.30 2.87 -2.41
CA CYS A 18 1.92 3.94 -1.63
C CYS A 18 3.35 3.57 -1.27
N GLY A 19 3.57 2.32 -0.88
CA GLY A 19 4.90 1.87 -0.52
C GLY A 19 4.92 1.09 0.78
N LYS A 20 4.03 1.47 1.71
CA LYS A 20 3.95 0.79 3.00
C LYS A 20 4.16 -0.71 2.84
N VAL A 21 4.86 -1.31 3.80
CA VAL A 21 5.13 -2.74 3.77
C VAL A 21 4.51 -3.44 4.98
N PHE A 22 4.06 -4.67 4.77
CA PHE A 22 3.44 -5.44 5.85
C PHE A 22 4.03 -6.85 5.89
N ARG A 23 3.69 -7.59 6.95
CA ARG A 23 4.18 -8.95 7.12
C ARG A 23 3.25 -9.95 6.46
N HIS A 24 1.94 -9.72 6.57
CA HIS A 24 0.95 -10.60 5.99
C HIS A 24 0.15 -9.89 4.90
N ASN A 25 -0.30 -10.64 3.90
CA ASN A 25 -1.07 -10.07 2.81
C ASN A 25 -2.41 -9.54 3.30
N SER A 26 -3.12 -10.37 4.08
CA SER A 26 -4.41 -9.98 4.62
C SER A 26 -4.43 -8.50 5.00
N TYR A 27 -3.55 -8.12 5.91
CA TYR A 27 -3.46 -6.74 6.36
C TYR A 27 -3.24 -5.79 5.19
N LEU A 28 -2.25 -6.11 4.36
CA LEU A 28 -1.93 -5.29 3.20
C LEU A 28 -3.20 -4.96 2.41
N SER A 29 -3.93 -5.99 2.00
CA SER A 29 -5.16 -5.79 1.24
C SER A 29 -6.10 -4.83 1.95
N ARG A 30 -6.38 -5.12 3.22
CA ARG A 30 -7.26 -4.29 4.02
C ARG A 30 -6.79 -2.83 4.02
N HIS A 31 -5.49 -2.64 3.81
CA HIS A 31 -4.91 -1.30 3.78
C HIS A 31 -5.11 -0.65 2.42
N GLN A 32 -4.60 -1.32 1.38
CA GLN A 32 -4.73 -0.79 0.02
C GLN A 32 -6.10 -0.17 -0.20
N ARG A 33 -7.08 -0.62 0.56
CA ARG A 33 -8.44 -0.11 0.44
C ARG A 33 -8.45 1.41 0.48
N ILE A 34 -7.71 1.99 1.43
CA ILE A 34 -7.63 3.43 1.57
C ILE A 34 -7.32 4.10 0.24
N HIS A 35 -6.72 3.34 -0.67
CA HIS A 35 -6.36 3.85 -1.99
C HIS A 35 -7.56 3.81 -2.93
N THR A 36 -8.13 2.62 -3.10
CA THR A 36 -9.28 2.45 -3.97
C THR A 36 -10.58 2.82 -3.26
N GLY A 37 -10.66 4.07 -2.83
CA GLY A 37 -11.85 4.54 -2.15
C GLY A 37 -12.22 5.96 -2.50
N GLU A 38 -11.40 6.91 -2.08
CA GLU A 38 -11.64 8.33 -2.36
C GLU A 38 -10.73 8.82 -3.48
N LYS A 39 -11.06 8.45 -4.71
CA LYS A 39 -10.26 8.87 -5.87
C LYS A 39 -11.00 9.94 -6.67
N PRO A 40 -10.22 10.90 -7.21
CA PRO A 40 -10.78 11.99 -8.01
C PRO A 40 -11.29 11.51 -9.36
N SER A 41 -12.58 11.15 -9.40
CA SER A 41 -13.19 10.67 -10.63
C SER A 41 -14.35 11.58 -11.05
N GLY A 42 -15.21 11.92 -10.09
CA GLY A 42 -16.34 12.77 -10.37
C GLY A 42 -17.65 12.15 -9.93
N PRO A 43 -18.59 13.00 -9.49
CA PRO A 43 -19.92 12.55 -9.04
C PRO A 43 -20.78 12.04 -10.18
N SER A 44 -20.74 10.73 -10.40
CA SER A 44 -21.52 10.10 -11.46
C SER A 44 -22.72 9.35 -10.90
N SER A 45 -22.45 8.43 -9.98
CA SER A 45 -23.50 7.63 -9.36
C SER A 45 -24.26 6.84 -10.41
N GLY A 46 -23.54 6.25 -11.36
CA GLY A 46 -24.16 5.47 -12.40
C GLY A 46 -23.87 3.99 -12.27
N GLY A 1 23.66 8.76 2.69
CA GLY A 1 24.04 9.52 3.87
C GLY A 1 23.39 9.00 5.13
N SER A 2 23.09 9.89 6.06
CA SER A 2 22.47 9.51 7.33
C SER A 2 21.48 8.37 7.12
N SER A 3 20.56 8.55 6.19
CA SER A 3 19.56 7.53 5.89
C SER A 3 18.92 7.02 7.19
N GLY A 4 18.61 7.93 8.09
CA GLY A 4 18.00 7.55 9.36
C GLY A 4 16.52 7.28 9.22
N SER A 5 15.87 7.02 10.35
CA SER A 5 14.43 6.73 10.35
C SER A 5 14.05 5.82 9.19
N SER A 6 14.88 4.81 8.95
CA SER A 6 14.63 3.86 7.86
C SER A 6 14.90 2.43 8.32
N GLY A 7 14.50 1.46 7.49
CA GLY A 7 14.69 0.08 7.82
C GLY A 7 15.58 -0.64 6.83
N THR A 8 16.15 -1.78 7.25
CA THR A 8 17.02 -2.55 6.38
C THR A 8 16.27 -3.72 5.74
N GLY A 9 15.74 -4.61 6.57
CA GLY A 9 15.01 -5.75 6.08
C GLY A 9 13.68 -5.36 5.45
N GLU A 10 13.29 -6.07 4.39
CA GLU A 10 12.04 -5.79 3.70
C GLU A 10 11.18 -7.05 3.60
N LYS A 11 9.86 -6.87 3.68
CA LYS A 11 8.94 -7.99 3.59
C LYS A 11 8.48 -8.21 2.15
N PRO A 12 8.04 -9.44 1.84
CA PRO A 12 7.57 -9.81 0.50
C PRO A 12 6.25 -9.14 0.15
N TYR A 13 5.67 -8.43 1.12
CA TYR A 13 4.41 -7.74 0.91
C TYR A 13 4.56 -6.24 1.07
N LYS A 14 4.68 -5.53 -0.05
CA LYS A 14 4.84 -4.08 -0.02
C LYS A 14 3.82 -3.41 -0.95
N CYS A 15 3.10 -2.44 -0.41
CA CYS A 15 2.08 -1.72 -1.17
C CYS A 15 2.73 -0.97 -2.34
N ASN A 16 2.14 -1.10 -3.52
CA ASN A 16 2.65 -0.42 -4.71
C ASN A 16 1.84 0.82 -5.02
N GLU A 17 1.02 1.25 -4.06
CA GLU A 17 0.19 2.43 -4.24
C GLU A 17 0.80 3.64 -3.53
N CYS A 18 1.43 3.39 -2.38
CA CYS A 18 2.05 4.45 -1.60
C CYS A 18 3.49 4.09 -1.26
N GLY A 19 3.72 2.82 -0.95
CA GLY A 19 5.06 2.37 -0.61
C GLY A 19 5.12 1.73 0.77
N LYS A 20 3.96 1.40 1.32
CA LYS A 20 3.89 0.78 2.63
C LYS A 20 4.42 -0.65 2.60
N VAL A 21 4.42 -1.30 3.76
CA VAL A 21 4.90 -2.67 3.86
C VAL A 21 4.23 -3.41 5.00
N PHE A 22 3.97 -4.70 4.80
CA PHE A 22 3.32 -5.52 5.81
C PHE A 22 3.89 -6.93 5.81
N ARG A 23 3.58 -7.69 6.85
CA ARG A 23 4.06 -9.06 6.99
C ARG A 23 3.14 -10.04 6.25
N HIS A 24 1.86 -10.02 6.61
CA HIS A 24 0.89 -10.90 6.00
C HIS A 24 0.03 -10.14 4.99
N ASN A 25 -0.34 -10.81 3.91
CA ASN A 25 -1.15 -10.20 2.86
C ASN A 25 -2.41 -9.57 3.45
N SER A 26 -3.13 -10.36 4.26
CA SER A 26 -4.35 -9.89 4.88
C SER A 26 -4.24 -8.42 5.29
N TYR A 27 -3.25 -8.12 6.13
CA TYR A 27 -3.02 -6.76 6.59
C TYR A 27 -2.86 -5.80 5.42
N LEU A 28 -2.12 -6.25 4.40
CA LEU A 28 -1.89 -5.44 3.22
C LEU A 28 -3.18 -5.18 2.47
N SER A 29 -4.09 -6.16 2.49
CA SER A 29 -5.37 -6.05 1.81
C SER A 29 -6.22 -4.96 2.45
N ARG A 30 -6.41 -5.05 3.76
CA ARG A 30 -7.21 -4.08 4.49
C ARG A 30 -6.66 -2.67 4.31
N HIS A 31 -5.44 -2.58 3.77
CA HIS A 31 -4.80 -1.29 3.54
C HIS A 31 -5.11 -0.77 2.15
N GLN A 32 -4.75 -1.56 1.14
CA GLN A 32 -5.00 -1.18 -0.26
C GLN A 32 -6.35 -0.49 -0.40
N ARG A 33 -7.28 -0.80 0.51
CA ARG A 33 -8.61 -0.21 0.48
C ARG A 33 -8.53 1.30 0.34
N ILE A 34 -7.75 1.94 1.22
CA ILE A 34 -7.60 3.38 1.19
C ILE A 34 -7.22 3.87 -0.22
N HIS A 35 -6.75 2.95 -1.05
CA HIS A 35 -6.37 3.28 -2.41
C HIS A 35 -7.48 2.92 -3.40
N THR A 36 -7.99 1.70 -3.28
CA THR A 36 -9.05 1.24 -4.17
C THR A 36 -10.26 0.79 -3.37
N GLY A 37 -11.43 1.33 -3.72
CA GLY A 37 -12.65 0.98 -3.04
C GLY A 37 -13.57 2.17 -2.84
N GLU A 38 -13.89 2.45 -1.58
CA GLU A 38 -14.77 3.58 -1.25
C GLU A 38 -14.03 4.90 -1.39
N LYS A 39 -14.51 5.74 -2.31
CA LYS A 39 -13.89 7.05 -2.54
C LYS A 39 -14.52 8.11 -1.65
N PRO A 40 -13.70 9.05 -1.17
CA PRO A 40 -14.16 10.15 -0.31
C PRO A 40 -15.02 11.16 -1.06
N SER A 41 -16.04 11.67 -0.38
CA SER A 41 -16.94 12.65 -0.99
C SER A 41 -17.51 13.59 0.07
N GLY A 42 -17.57 14.87 -0.26
CA GLY A 42 -18.09 15.86 0.66
C GLY A 42 -17.56 17.25 0.41
N PRO A 43 -18.10 18.24 1.12
CA PRO A 43 -17.69 19.65 0.98
C PRO A 43 -16.29 19.89 1.53
N SER A 44 -15.62 20.91 1.00
CA SER A 44 -14.27 21.24 1.43
C SER A 44 -14.28 21.80 2.85
N SER A 45 -13.58 21.12 3.75
CA SER A 45 -13.50 21.54 5.14
C SER A 45 -12.86 22.92 5.26
N GLY A 46 -13.26 23.66 6.29
CA GLY A 46 -12.72 24.99 6.50
C GLY A 46 -11.36 24.96 7.18
N GLY A 1 1.84 16.28 11.07
CA GLY A 1 2.51 15.34 10.18
C GLY A 1 3.95 15.09 10.58
N SER A 2 4.17 14.88 11.88
CA SER A 2 5.50 14.63 12.39
C SER A 2 6.01 13.26 11.97
N SER A 3 6.52 13.18 10.74
CA SER A 3 7.04 11.93 10.21
C SER A 3 7.85 12.16 8.94
N GLY A 4 8.55 11.13 8.49
CA GLY A 4 9.36 11.25 7.28
C GLY A 4 10.11 9.97 6.96
N SER A 5 11.19 9.72 7.70
CA SER A 5 12.00 8.54 7.49
C SER A 5 11.12 7.31 7.25
N SER A 6 11.66 6.32 6.54
CA SER A 6 10.92 5.10 6.24
C SER A 6 11.65 3.87 6.78
N GLY A 7 11.04 3.22 7.77
CA GLY A 7 11.66 2.04 8.35
C GLY A 7 11.77 0.90 7.36
N THR A 8 12.69 -0.02 7.63
CA THR A 8 12.90 -1.17 6.76
C THR A 8 11.99 -2.33 7.14
N GLY A 9 11.83 -3.29 6.23
CA GLY A 9 10.99 -4.44 6.49
C GLY A 9 11.38 -5.65 5.66
N GLU A 10 11.70 -5.41 4.40
CA GLU A 10 12.09 -6.49 3.50
C GLU A 10 11.07 -7.62 3.52
N LYS A 11 9.79 -7.25 3.52
CA LYS A 11 8.70 -8.23 3.54
C LYS A 11 8.24 -8.55 2.13
N PRO A 12 7.72 -9.78 1.94
CA PRO A 12 7.22 -10.24 0.64
C PRO A 12 5.94 -9.53 0.23
N TYR A 13 5.42 -8.69 1.12
CA TYR A 13 4.19 -7.95 0.85
C TYR A 13 4.40 -6.46 1.05
N LYS A 14 4.52 -5.73 -0.05
CA LYS A 14 4.72 -4.28 0.00
C LYS A 14 3.76 -3.56 -0.94
N CYS A 15 3.14 -2.49 -0.45
CA CYS A 15 2.20 -1.72 -1.24
C CYS A 15 2.92 -0.93 -2.32
N ASN A 16 2.21 -0.61 -3.39
CA ASN A 16 2.78 0.15 -4.50
C ASN A 16 2.18 1.55 -4.57
N GLU A 17 0.88 1.64 -4.27
CA GLU A 17 0.18 2.92 -4.31
C GLU A 17 0.87 3.95 -3.43
N CYS A 18 1.15 3.56 -2.18
CA CYS A 18 1.80 4.45 -1.23
C CYS A 18 3.29 4.12 -1.12
N GLY A 19 3.61 2.83 -1.15
CA GLY A 19 5.00 2.40 -1.05
C GLY A 19 5.35 1.91 0.34
N LYS A 20 4.37 1.38 1.05
CA LYS A 20 4.58 0.87 2.40
C LYS A 20 4.79 -0.64 2.39
N VAL A 21 5.15 -1.19 3.55
CA VAL A 21 5.38 -2.62 3.67
C VAL A 21 4.66 -3.19 4.88
N PHE A 22 4.35 -4.48 4.83
CA PHE A 22 3.66 -5.15 5.92
C PHE A 22 4.26 -6.52 6.20
N ARG A 23 3.79 -7.16 7.26
CA ARG A 23 4.28 -8.48 7.63
C ARG A 23 3.23 -9.55 7.38
N HIS A 24 2.29 -9.25 6.50
CA HIS A 24 1.21 -10.20 6.18
C HIS A 24 0.40 -9.69 4.99
N ASN A 25 -0.24 -10.62 4.28
CA ASN A 25 -1.05 -10.27 3.12
C ASN A 25 -2.40 -9.72 3.55
N SER A 26 -3.13 -10.51 4.33
CA SER A 26 -4.45 -10.11 4.81
C SER A 26 -4.45 -8.64 5.23
N TYR A 27 -3.45 -8.25 6.01
CA TYR A 27 -3.33 -6.87 6.47
C TYR A 27 -3.15 -5.91 5.30
N LEU A 28 -2.33 -6.32 4.33
CA LEU A 28 -2.08 -5.50 3.16
C LEU A 28 -3.35 -5.29 2.34
N SER A 29 -4.04 -6.40 2.03
CA SER A 29 -5.27 -6.34 1.26
C SER A 29 -6.24 -5.33 1.85
N ARG A 30 -6.41 -5.40 3.18
CA ARG A 30 -7.32 -4.49 3.87
C ARG A 30 -6.81 -3.05 3.79
N HIS A 31 -5.50 -2.89 3.73
CA HIS A 31 -4.89 -1.57 3.66
C HIS A 31 -5.14 -0.94 2.29
N GLN A 32 -4.80 -1.68 1.23
CA GLN A 32 -5.00 -1.17 -0.13
C GLN A 32 -6.36 -0.51 -0.27
N ARG A 33 -7.29 -0.86 0.60
CA ARG A 33 -8.63 -0.29 0.57
C ARG A 33 -8.57 1.24 0.45
N ILE A 34 -7.79 1.86 1.33
CA ILE A 34 -7.65 3.31 1.33
C ILE A 34 -7.27 3.82 -0.06
N HIS A 35 -6.69 2.94 -0.87
CA HIS A 35 -6.29 3.30 -2.23
C HIS A 35 -7.40 3.01 -3.22
N THR A 36 -7.85 1.76 -3.26
CA THR A 36 -8.91 1.35 -4.17
C THR A 36 -10.20 2.12 -3.90
N GLY A 37 -10.21 2.87 -2.80
CA GLY A 37 -11.39 3.65 -2.45
C GLY A 37 -11.40 5.01 -3.13
N GLU A 38 -10.54 5.91 -2.66
CA GLU A 38 -10.47 7.25 -3.23
C GLU A 38 -9.02 7.70 -3.38
N LYS A 39 -8.68 8.19 -4.56
CA LYS A 39 -7.32 8.65 -4.84
C LYS A 39 -7.20 10.15 -4.57
N PRO A 40 -6.03 10.56 -4.03
CA PRO A 40 -5.75 11.96 -3.73
C PRO A 40 -5.60 12.81 -4.98
N SER A 41 -5.19 14.07 -4.79
CA SER A 41 -5.01 14.99 -5.91
C SER A 41 -4.11 14.37 -6.98
N GLY A 42 -2.98 13.81 -6.54
CA GLY A 42 -2.06 13.20 -7.47
C GLY A 42 -0.84 14.06 -7.74
N PRO A 43 0.07 14.11 -6.76
CA PRO A 43 1.31 14.90 -6.86
C PRO A 43 2.28 14.33 -7.88
N SER A 44 2.43 13.00 -7.86
CA SER A 44 3.34 12.33 -8.79
C SER A 44 2.84 12.43 -10.22
N SER A 45 3.71 12.11 -11.18
CA SER A 45 3.35 12.17 -12.58
C SER A 45 4.36 11.40 -13.44
N GLY A 46 3.97 11.07 -14.66
CA GLY A 46 4.84 10.34 -15.56
C GLY A 46 4.80 8.84 -15.30
N GLY A 1 17.70 13.06 -8.69
CA GLY A 1 18.09 11.86 -7.97
C GLY A 1 19.59 11.77 -7.79
N SER A 2 20.03 11.15 -6.70
CA SER A 2 21.45 11.00 -6.41
C SER A 2 21.81 9.53 -6.24
N SER A 3 21.01 8.82 -5.47
CA SER A 3 21.26 7.40 -5.22
C SER A 3 20.04 6.75 -4.56
N GLY A 4 19.86 5.45 -4.81
CA GLY A 4 18.74 4.73 -4.23
C GLY A 4 18.88 3.23 -4.38
N SER A 5 20.06 2.70 -4.06
CA SER A 5 20.31 1.28 -4.17
C SER A 5 19.75 0.53 -2.97
N SER A 6 20.07 1.03 -1.77
CA SER A 6 19.60 0.41 -0.54
C SER A 6 18.31 1.08 -0.04
N GLY A 7 17.17 0.52 -0.42
CA GLY A 7 15.90 1.07 0.00
C GLY A 7 15.18 0.19 1.01
N THR A 8 14.12 0.73 1.60
CA THR A 8 13.34 -0.01 2.58
C THR A 8 12.50 -1.10 1.92
N GLY A 9 12.23 -2.17 2.66
CA GLY A 9 11.44 -3.26 2.13
C GLY A 9 12.08 -4.62 2.37
N GLU A 10 11.75 -5.24 3.49
CA GLU A 10 12.30 -6.54 3.84
C GLU A 10 11.22 -7.62 3.78
N LYS A 11 9.98 -7.20 3.54
CA LYS A 11 8.86 -8.13 3.45
C LYS A 11 8.42 -8.33 2.00
N PRO A 12 7.94 -9.54 1.69
CA PRO A 12 7.48 -9.89 0.35
C PRO A 12 6.19 -9.17 -0.02
N TYR A 13 5.61 -8.46 0.95
CA TYR A 13 4.36 -7.73 0.73
C TYR A 13 4.57 -6.23 0.92
N LYS A 14 4.68 -5.52 -0.19
CA LYS A 14 4.88 -4.07 -0.14
C LYS A 14 3.96 -3.36 -1.12
N CYS A 15 3.22 -2.37 -0.64
CA CYS A 15 2.30 -1.61 -1.48
C CYS A 15 3.06 -0.83 -2.54
N ASN A 16 2.45 -0.69 -3.72
CA ASN A 16 3.07 0.04 -4.81
C ASN A 16 2.47 1.44 -4.94
N GLU A 17 1.24 1.59 -4.47
CA GLU A 17 0.56 2.88 -4.53
C GLU A 17 1.25 3.90 -3.63
N CYS A 18 1.49 3.52 -2.38
CA CYS A 18 2.14 4.40 -1.42
C CYS A 18 3.53 3.88 -1.06
N GLY A 19 3.64 2.57 -0.85
CA GLY A 19 4.91 1.98 -0.50
C GLY A 19 4.86 1.20 0.80
N LYS A 20 3.95 1.60 1.68
CA LYS A 20 3.80 0.94 2.97
C LYS A 20 4.03 -0.56 2.84
N VAL A 21 4.72 -1.14 3.82
CA VAL A 21 5.01 -2.57 3.81
C VAL A 21 4.21 -3.30 4.90
N PHE A 22 3.94 -4.57 4.69
CA PHE A 22 3.20 -5.38 5.65
C PHE A 22 3.81 -6.77 5.77
N ARG A 23 3.66 -7.37 6.95
CA ARG A 23 4.19 -8.71 7.20
C ARG A 23 3.30 -9.77 6.57
N HIS A 24 1.99 -9.63 6.77
CA HIS A 24 1.03 -10.58 6.23
C HIS A 24 0.13 -9.91 5.19
N ASN A 25 -0.27 -10.67 4.17
CA ASN A 25 -1.13 -10.15 3.12
C ASN A 25 -2.46 -9.68 3.69
N SER A 26 -3.06 -10.50 4.55
CA SER A 26 -4.34 -10.16 5.16
C SER A 26 -4.40 -8.68 5.53
N TYR A 27 -3.32 -8.20 6.16
CA TYR A 27 -3.26 -6.80 6.56
C TYR A 27 -3.18 -5.88 5.35
N LEU A 28 -2.30 -6.22 4.42
CA LEU A 28 -2.13 -5.41 3.21
C LEU A 28 -3.45 -5.26 2.47
N SER A 29 -4.22 -6.34 2.39
CA SER A 29 -5.51 -6.32 1.72
C SER A 29 -6.40 -5.21 2.28
N ARG A 30 -6.47 -5.14 3.61
CA ARG A 30 -7.29 -4.13 4.27
C ARG A 30 -6.74 -2.72 4.00
N HIS A 31 -5.42 -2.60 3.98
CA HIS A 31 -4.78 -1.31 3.74
C HIS A 31 -5.06 -0.83 2.32
N GLN A 32 -4.71 -1.64 1.33
CA GLN A 32 -4.92 -1.29 -0.07
C GLN A 32 -6.29 -0.64 -0.26
N ARG A 33 -7.21 -0.92 0.65
CA ARG A 33 -8.56 -0.37 0.59
C ARG A 33 -8.50 1.15 0.40
N ILE A 34 -7.72 1.82 1.23
CA ILE A 34 -7.58 3.27 1.15
C ILE A 34 -7.25 3.71 -0.28
N HIS A 35 -6.75 2.78 -1.08
CA HIS A 35 -6.39 3.07 -2.47
C HIS A 35 -7.55 2.73 -3.40
N THR A 36 -7.83 1.44 -3.54
CA THR A 36 -8.91 0.99 -4.42
C THR A 36 -10.20 1.75 -4.13
N GLY A 37 -10.49 1.98 -2.85
CA GLY A 37 -11.69 2.69 -2.47
C GLY A 37 -12.95 1.98 -2.91
N GLU A 38 -13.96 2.75 -3.32
CA GLU A 38 -15.22 2.20 -3.77
C GLU A 38 -15.57 2.69 -5.17
N LYS A 39 -16.51 2.01 -5.82
CA LYS A 39 -16.93 2.38 -7.16
C LYS A 39 -17.53 3.77 -7.18
N PRO A 40 -17.28 4.52 -8.26
CA PRO A 40 -17.78 5.89 -8.43
C PRO A 40 -19.29 5.92 -8.63
N SER A 41 -20.03 5.99 -7.52
CA SER A 41 -21.48 6.03 -7.57
C SER A 41 -21.98 7.47 -7.62
N GLY A 42 -21.70 8.22 -6.56
CA GLY A 42 -22.13 9.60 -6.50
C GLY A 42 -21.33 10.51 -7.42
N PRO A 43 -21.52 11.82 -7.28
CA PRO A 43 -20.83 12.82 -8.11
C PRO A 43 -19.34 12.90 -7.78
N SER A 44 -18.52 12.32 -8.65
CA SER A 44 -17.07 12.33 -8.45
C SER A 44 -16.58 13.71 -8.05
N SER A 45 -15.55 13.75 -7.21
CA SER A 45 -14.99 15.02 -6.75
C SER A 45 -13.49 15.08 -7.01
N GLY A 46 -13.04 16.20 -7.56
CA GLY A 46 -11.62 16.36 -7.86
C GLY A 46 -11.00 17.53 -7.12
N GLY A 1 18.62 17.78 -1.74
CA GLY A 1 18.78 16.39 -1.35
C GLY A 1 17.47 15.75 -0.93
N SER A 2 17.31 14.47 -1.28
CA SER A 2 16.09 13.75 -0.94
C SER A 2 16.27 12.94 0.35
N SER A 3 15.15 12.51 0.92
CA SER A 3 15.19 11.73 2.15
C SER A 3 15.16 10.24 1.86
N GLY A 4 15.53 9.44 2.86
CA GLY A 4 15.54 7.99 2.68
C GLY A 4 14.43 7.51 1.77
N SER A 5 14.80 7.04 0.59
CA SER A 5 13.83 6.56 -0.39
C SER A 5 12.90 5.51 0.24
N SER A 6 11.60 5.66 0.00
CA SER A 6 10.62 4.73 0.55
C SER A 6 10.73 3.36 -0.12
N GLY A 7 11.50 2.47 0.48
CA GLY A 7 11.68 1.14 -0.08
C GLY A 7 12.73 0.34 0.66
N THR A 8 12.54 0.17 1.96
CA THR A 8 13.48 -0.58 2.78
C THR A 8 12.77 -1.63 3.62
N GLY A 9 11.76 -2.27 3.02
CA GLY A 9 11.00 -3.29 3.73
C GLY A 9 11.53 -4.69 3.45
N GLU A 10 11.81 -5.43 4.52
CA GLU A 10 12.33 -6.79 4.37
C GLU A 10 11.19 -7.80 4.27
N LYS A 11 10.08 -7.37 3.67
CA LYS A 11 8.92 -8.23 3.50
C LYS A 11 8.56 -8.38 2.03
N PRO A 12 8.10 -9.58 1.65
CA PRO A 12 7.72 -9.88 0.27
C PRO A 12 6.44 -9.16 -0.15
N TYR A 13 5.80 -8.50 0.81
CA TYR A 13 4.57 -7.76 0.54
C TYR A 13 4.78 -6.27 0.76
N LYS A 14 4.68 -5.50 -0.32
CA LYS A 14 4.84 -4.05 -0.24
C LYS A 14 3.82 -3.34 -1.12
N CYS A 15 3.13 -2.37 -0.53
CA CYS A 15 2.11 -1.62 -1.26
C CYS A 15 2.74 -0.83 -2.40
N ASN A 16 2.23 -1.04 -3.61
CA ASN A 16 2.74 -0.36 -4.79
C ASN A 16 1.90 0.88 -5.11
N GLU A 17 1.04 1.26 -4.17
CA GLU A 17 0.18 2.43 -4.35
C GLU A 17 0.77 3.65 -3.64
N CYS A 18 1.31 3.43 -2.44
CA CYS A 18 1.90 4.51 -1.67
C CYS A 18 3.37 4.23 -1.36
N GLY A 19 3.63 3.02 -0.88
CA GLY A 19 4.99 2.64 -0.55
C GLY A 19 5.11 2.04 0.84
N LYS A 20 4.03 1.44 1.32
CA LYS A 20 4.01 0.83 2.64
C LYS A 20 4.41 -0.64 2.57
N VAL A 21 4.43 -1.31 3.71
CA VAL A 21 4.80 -2.72 3.78
C VAL A 21 4.06 -3.42 4.92
N PHE A 22 3.78 -4.70 4.72
CA PHE A 22 3.07 -5.49 5.73
C PHE A 22 3.62 -6.92 5.77
N ARG A 23 3.66 -7.48 6.97
CA ARG A 23 4.17 -8.85 7.16
C ARG A 23 3.30 -9.85 6.41
N HIS A 24 2.00 -9.82 6.67
CA HIS A 24 1.07 -10.73 6.01
C HIS A 24 0.16 -9.97 5.03
N ASN A 25 -0.15 -10.61 3.91
CA ASN A 25 -1.01 -10.00 2.89
C ASN A 25 -2.37 -9.64 3.47
N SER A 26 -2.95 -10.58 4.21
CA SER A 26 -4.27 -10.37 4.82
C SER A 26 -4.41 -8.93 5.30
N TYR A 27 -3.39 -8.43 5.98
CA TYR A 27 -3.40 -7.07 6.50
C TYR A 27 -3.27 -6.05 5.37
N LEU A 28 -2.23 -6.22 4.56
CA LEU A 28 -1.99 -5.31 3.44
C LEU A 28 -3.28 -5.01 2.70
N SER A 29 -4.21 -5.96 2.72
CA SER A 29 -5.50 -5.78 2.04
C SER A 29 -6.30 -4.67 2.70
N ARG A 30 -6.48 -4.77 4.02
CA ARG A 30 -7.23 -3.77 4.76
C ARG A 30 -6.66 -2.37 4.54
N HIS A 31 -5.42 -2.32 4.06
CA HIS A 31 -4.76 -1.05 3.80
C HIS A 31 -4.96 -0.61 2.35
N GLN A 32 -4.35 -1.34 1.42
CA GLN A 32 -4.45 -1.03 0.01
C GLN A 32 -5.86 -0.51 -0.33
N ARG A 33 -6.86 -1.05 0.36
CA ARG A 33 -8.24 -0.64 0.12
C ARG A 33 -8.35 0.88 0.06
N ILE A 34 -7.76 1.55 1.05
CA ILE A 34 -7.78 3.01 1.11
C ILE A 34 -7.58 3.62 -0.27
N HIS A 35 -6.85 2.92 -1.13
CA HIS A 35 -6.59 3.40 -2.48
C HIS A 35 -7.79 3.13 -3.39
N THR A 36 -8.09 1.86 -3.61
CA THR A 36 -9.21 1.47 -4.45
C THR A 36 -10.42 2.36 -4.20
N GLY A 37 -10.73 2.59 -2.92
CA GLY A 37 -11.86 3.43 -2.56
C GLY A 37 -11.71 4.85 -3.05
N GLU A 38 -10.54 5.44 -2.79
CA GLU A 38 -10.28 6.81 -3.21
C GLU A 38 -10.40 6.96 -4.71
N LYS A 39 -11.06 8.03 -5.15
CA LYS A 39 -11.24 8.28 -6.58
C LYS A 39 -9.91 8.62 -7.24
N PRO A 40 -9.75 8.16 -8.50
CA PRO A 40 -8.52 8.40 -9.27
C PRO A 40 -8.38 9.86 -9.68
N SER A 41 -7.15 10.28 -9.96
CA SER A 41 -6.87 11.65 -10.37
C SER A 41 -6.83 11.77 -11.88
N GLY A 42 -6.21 10.79 -12.53
CA GLY A 42 -6.09 10.81 -13.98
C GLY A 42 -5.57 9.50 -14.54
N PRO A 43 -6.47 8.53 -14.72
CA PRO A 43 -6.12 7.20 -15.25
C PRO A 43 -5.74 7.26 -16.72
N SER A 44 -4.46 7.51 -16.99
CA SER A 44 -3.97 7.59 -18.36
C SER A 44 -3.10 6.37 -18.70
N SER A 45 -2.25 5.99 -17.77
CA SER A 45 -1.36 4.85 -17.97
C SER A 45 -2.17 3.58 -18.26
N GLY A 46 -1.46 2.51 -18.60
CA GLY A 46 -2.13 1.25 -18.89
C GLY A 46 -1.18 0.19 -19.39
N GLY A 1 19.68 12.64 8.37
CA GLY A 1 20.49 11.70 9.12
C GLY A 1 20.05 10.26 8.94
N SER A 2 18.75 10.02 9.12
CA SER A 2 18.20 8.68 8.98
C SER A 2 18.78 7.98 7.76
N SER A 3 19.51 6.89 8.00
CA SER A 3 20.13 6.13 6.91
C SER A 3 19.46 4.77 6.76
N GLY A 4 19.76 4.10 5.65
CA GLY A 4 19.19 2.80 5.40
C GLY A 4 19.12 1.93 6.65
N SER A 5 17.92 1.80 7.21
CA SER A 5 17.72 1.01 8.42
C SER A 5 17.74 -0.48 8.09
N SER A 6 18.74 -1.19 8.62
CA SER A 6 18.88 -2.63 8.38
C SER A 6 18.18 -3.42 9.47
N GLY A 7 17.08 -4.07 9.12
CA GLY A 7 16.34 -4.87 10.09
C GLY A 7 14.95 -5.24 9.60
N THR A 8 13.94 -4.56 10.11
CA THR A 8 12.56 -4.83 9.71
C THR A 8 12.15 -3.98 8.53
N GLY A 9 11.95 -4.63 7.38
CA GLY A 9 11.55 -3.91 6.18
C GLY A 9 11.48 -4.81 4.96
N GLU A 10 12.41 -5.75 4.87
CA GLU A 10 12.45 -6.68 3.74
C GLU A 10 11.32 -7.70 3.83
N LYS A 11 10.14 -7.32 3.35
CA LYS A 11 8.97 -8.19 3.39
C LYS A 11 8.47 -8.47 1.97
N PRO A 12 7.94 -9.69 1.77
CA PRO A 12 7.41 -10.10 0.46
C PRO A 12 6.12 -9.38 0.11
N TYR A 13 5.58 -8.65 1.08
CA TYR A 13 4.34 -7.91 0.86
C TYR A 13 4.56 -6.41 1.04
N LYS A 14 4.54 -5.68 -0.08
CA LYS A 14 4.74 -4.24 -0.05
C LYS A 14 3.76 -3.54 -0.97
N CYS A 15 3.20 -2.42 -0.49
CA CYS A 15 2.24 -1.65 -1.28
C CYS A 15 2.95 -0.89 -2.41
N ASN A 16 2.23 -0.71 -3.51
CA ASN A 16 2.78 -0.01 -4.66
C ASN A 16 2.17 1.39 -4.80
N GLU A 17 0.93 1.52 -4.34
CA GLU A 17 0.23 2.80 -4.41
C GLU A 17 0.94 3.85 -3.56
N CYS A 18 1.31 3.48 -2.35
CA CYS A 18 2.00 4.39 -1.44
C CYS A 18 3.42 3.91 -1.14
N GLY A 19 3.56 2.60 -0.95
CA GLY A 19 4.86 2.03 -0.67
C GLY A 19 4.89 1.26 0.64
N LYS A 20 4.08 1.70 1.60
CA LYS A 20 4.01 1.05 2.90
C LYS A 20 4.14 -0.46 2.76
N VAL A 21 4.92 -1.07 3.65
CA VAL A 21 5.12 -2.51 3.63
C VAL A 21 4.37 -3.19 4.77
N PHE A 22 4.05 -4.47 4.58
CA PHE A 22 3.32 -5.24 5.59
C PHE A 22 3.93 -6.62 5.75
N ARG A 23 3.71 -7.22 6.91
CA ARG A 23 4.23 -8.55 7.20
C ARG A 23 3.42 -9.63 6.48
N HIS A 24 2.09 -9.52 6.58
CA HIS A 24 1.21 -10.49 5.94
C HIS A 24 0.30 -9.81 4.93
N ASN A 25 -0.12 -10.55 3.91
CA ASN A 25 -0.99 -10.01 2.88
C ASN A 25 -2.37 -9.66 3.45
N SER A 26 -2.91 -10.56 4.26
CA SER A 26 -4.22 -10.34 4.86
C SER A 26 -4.40 -8.88 5.27
N TYR A 27 -3.48 -8.39 6.09
CA TYR A 27 -3.54 -7.00 6.56
C TYR A 27 -3.40 -6.03 5.39
N LEU A 28 -2.35 -6.21 4.60
CA LEU A 28 -2.11 -5.35 3.45
C LEU A 28 -3.41 -5.09 2.68
N SER A 29 -4.17 -6.15 2.45
CA SER A 29 -5.44 -6.03 1.72
C SER A 29 -6.34 -4.99 2.37
N ARG A 30 -6.42 -5.02 3.69
CA ARG A 30 -7.26 -4.08 4.43
C ARG A 30 -6.76 -2.65 4.23
N HIS A 31 -5.47 -2.50 3.99
CA HIS A 31 -4.87 -1.18 3.78
C HIS A 31 -5.11 -0.71 2.35
N GLN A 32 -4.65 -1.50 1.38
CA GLN A 32 -4.81 -1.16 -0.02
C GLN A 32 -6.19 -0.56 -0.29
N ARG A 33 -7.15 -0.91 0.55
CA ARG A 33 -8.52 -0.41 0.42
C ARG A 33 -8.52 1.11 0.22
N ILE A 34 -7.84 1.81 1.12
CA ILE A 34 -7.77 3.27 1.05
C ILE A 34 -7.42 3.73 -0.37
N HIS A 35 -6.75 2.86 -1.11
CA HIS A 35 -6.36 3.18 -2.49
C HIS A 35 -7.48 2.83 -3.46
N THR A 36 -7.95 1.59 -3.40
CA THR A 36 -9.01 1.13 -4.28
C THR A 36 -10.38 1.63 -3.81
N GLY A 37 -10.72 2.85 -4.21
CA GLY A 37 -11.99 3.44 -3.82
C GLY A 37 -12.29 4.74 -4.55
N GLU A 38 -11.43 5.73 -4.35
CA GLU A 38 -11.61 7.03 -4.99
C GLU A 38 -10.29 7.54 -5.56
N LYS A 39 -9.97 7.11 -6.78
CA LYS A 39 -8.73 7.52 -7.44
C LYS A 39 -8.93 8.85 -8.16
N PRO A 40 -7.91 9.72 -8.08
CA PRO A 40 -7.94 11.03 -8.72
C PRO A 40 -7.85 10.94 -10.24
N SER A 41 -8.36 11.96 -10.93
CA SER A 41 -8.35 11.98 -12.39
C SER A 41 -8.61 10.59 -12.96
N GLY A 42 -9.63 9.92 -12.43
CA GLY A 42 -9.96 8.59 -12.90
C GLY A 42 -11.34 8.15 -12.45
N PRO A 43 -12.02 7.37 -13.30
CA PRO A 43 -13.37 6.86 -13.01
C PRO A 43 -13.36 5.82 -11.90
N SER A 44 -13.59 6.28 -10.67
CA SER A 44 -13.62 5.38 -9.52
C SER A 44 -14.99 4.72 -9.37
N SER A 45 -16.04 5.53 -9.49
CA SER A 45 -17.40 5.02 -9.37
C SER A 45 -18.42 6.10 -9.74
N GLY A 46 -19.63 5.67 -10.09
CA GLY A 46 -20.67 6.60 -10.46
C GLY A 46 -21.30 7.28 -9.25
N GLY A 1 9.51 18.54 3.66
CA GLY A 1 10.29 17.83 4.66
C GLY A 1 11.10 16.70 4.06
N SER A 2 11.20 15.59 4.79
CA SER A 2 11.97 14.43 4.33
C SER A 2 11.51 13.17 5.05
N SER A 3 11.73 12.02 4.41
CA SER A 3 11.34 10.74 4.99
C SER A 3 12.04 9.59 4.27
N GLY A 4 12.22 8.48 4.98
CA GLY A 4 12.87 7.32 4.40
C GLY A 4 13.75 6.59 5.39
N SER A 5 13.53 5.29 5.52
CA SER A 5 14.30 4.47 6.45
C SER A 5 15.02 3.35 5.71
N SER A 6 16.24 3.04 6.15
CA SER A 6 17.03 1.99 5.53
C SER A 6 17.12 0.77 6.44
N GLY A 7 17.34 1.02 7.73
CA GLY A 7 17.45 -0.06 8.69
C GLY A 7 16.40 -1.13 8.48
N THR A 8 15.13 -0.77 8.67
CA THR A 8 14.02 -1.69 8.50
C THR A 8 14.30 -2.69 7.38
N GLY A 9 13.79 -3.90 7.52
CA GLY A 9 14.00 -4.92 6.51
C GLY A 9 12.96 -4.87 5.41
N GLU A 10 13.00 -5.85 4.51
CA GLU A 10 12.06 -5.91 3.40
C GLU A 10 11.18 -7.15 3.50
N LYS A 11 9.87 -6.96 3.29
CA LYS A 11 8.93 -8.07 3.37
C LYS A 11 8.41 -8.42 1.98
N PRO A 12 7.91 -9.66 1.84
CA PRO A 12 7.38 -10.16 0.57
C PRO A 12 6.06 -9.48 0.18
N TYR A 13 5.55 -8.64 1.08
CA TYR A 13 4.30 -7.93 0.84
C TYR A 13 4.48 -6.43 1.03
N LYS A 14 4.32 -5.68 -0.06
CA LYS A 14 4.46 -4.23 -0.02
C LYS A 14 3.40 -3.56 -0.87
N CYS A 15 2.94 -2.40 -0.42
CA CYS A 15 1.91 -1.65 -1.15
C CYS A 15 2.54 -0.80 -2.26
N ASN A 16 2.10 -1.04 -3.49
CA ASN A 16 2.61 -0.31 -4.63
C ASN A 16 1.80 0.97 -4.89
N GLU A 17 0.90 1.27 -3.96
CA GLU A 17 0.06 2.46 -4.07
C GLU A 17 0.66 3.63 -3.31
N CYS A 18 1.39 3.32 -2.24
CA CYS A 18 2.03 4.35 -1.43
C CYS A 18 3.49 4.02 -1.19
N GLY A 19 3.75 2.78 -0.76
CA GLY A 19 5.11 2.35 -0.49
C GLY A 19 5.23 1.60 0.82
N LYS A 20 4.21 1.70 1.66
CA LYS A 20 4.21 1.03 2.95
C LYS A 20 4.41 -0.48 2.78
N VAL A 21 4.91 -1.13 3.83
CA VAL A 21 5.15 -2.56 3.78
C VAL A 21 4.52 -3.26 4.99
N PHE A 22 4.17 -4.53 4.81
CA PHE A 22 3.54 -5.31 5.87
C PHE A 22 4.15 -6.71 5.94
N ARG A 23 3.76 -7.46 6.96
CA ARG A 23 4.26 -8.82 7.15
C ARG A 23 3.13 -9.84 6.98
N HIS A 24 2.15 -9.50 6.16
CA HIS A 24 1.02 -10.38 5.90
C HIS A 24 0.16 -9.86 4.76
N ASN A 25 -0.65 -10.74 4.17
CA ASN A 25 -1.52 -10.35 3.07
C ASN A 25 -2.82 -9.76 3.59
N SER A 26 -3.30 -10.26 4.72
CA SER A 26 -4.53 -9.79 5.31
C SER A 26 -4.40 -8.33 5.75
N TYR A 27 -3.17 -7.92 6.06
CA TYR A 27 -2.90 -6.55 6.49
C TYR A 27 -2.65 -5.65 5.28
N LEU A 28 -2.11 -6.23 4.22
CA LEU A 28 -1.81 -5.47 3.01
C LEU A 28 -3.09 -5.20 2.21
N SER A 29 -3.90 -6.23 2.02
CA SER A 29 -5.14 -6.10 1.28
C SER A 29 -6.10 -5.13 1.97
N ARG A 30 -6.26 -5.31 3.28
CA ARG A 30 -7.15 -4.45 4.07
C ARG A 30 -6.70 -2.98 3.97
N HIS A 31 -5.43 -2.78 3.67
CA HIS A 31 -4.89 -1.43 3.55
C HIS A 31 -5.13 -0.87 2.16
N GLN A 32 -4.69 -1.59 1.14
CA GLN A 32 -4.87 -1.16 -0.24
C GLN A 32 -6.24 -0.52 -0.43
N ARG A 33 -7.20 -0.91 0.40
CA ARG A 33 -8.55 -0.37 0.32
C ARG A 33 -8.52 1.15 0.27
N ILE A 34 -7.76 1.75 1.17
CA ILE A 34 -7.65 3.21 1.24
C ILE A 34 -7.28 3.79 -0.12
N HIS A 35 -6.72 2.95 -0.99
CA HIS A 35 -6.32 3.38 -2.33
C HIS A 35 -7.44 3.13 -3.33
N THR A 36 -7.99 1.93 -3.29
CA THR A 36 -9.08 1.56 -4.20
C THR A 36 -10.22 2.56 -4.14
N GLY A 37 -10.61 2.91 -2.92
CA GLY A 37 -11.70 3.86 -2.74
C GLY A 37 -11.46 5.16 -3.48
N GLU A 38 -10.44 5.91 -3.07
CA GLU A 38 -10.11 7.18 -3.69
C GLU A 38 -8.98 7.00 -4.71
N LYS A 39 -9.24 7.42 -5.95
CA LYS A 39 -8.24 7.31 -7.01
C LYS A 39 -6.84 7.58 -6.47
N PRO A 40 -5.86 6.80 -6.94
CA PRO A 40 -4.46 6.94 -6.52
C PRO A 40 -3.83 8.22 -7.06
N SER A 41 -4.23 8.61 -8.26
CA SER A 41 -3.70 9.81 -8.89
C SER A 41 -4.64 10.33 -9.97
N GLY A 42 -4.42 11.57 -10.39
CA GLY A 42 -5.27 12.17 -11.42
C GLY A 42 -5.03 11.56 -12.79
N PRO A 43 -3.80 11.74 -13.32
CA PRO A 43 -3.43 11.21 -14.63
C PRO A 43 -3.30 9.69 -14.64
N SER A 44 -3.91 9.06 -15.64
CA SER A 44 -3.88 7.61 -15.76
C SER A 44 -3.72 7.19 -17.22
N SER A 45 -2.86 6.19 -17.45
CA SER A 45 -2.62 5.70 -18.80
C SER A 45 -3.09 4.26 -18.94
N GLY A 46 -4.26 3.97 -18.39
CA GLY A 46 -4.82 2.63 -18.47
C GLY A 46 -4.43 1.77 -17.29
N GLY A 1 31.36 9.73 13.25
CA GLY A 1 30.30 8.86 12.79
C GLY A 1 29.36 8.45 13.91
N SER A 2 28.26 7.81 13.55
CA SER A 2 27.27 7.37 14.53
C SER A 2 26.89 5.92 14.31
N SER A 3 26.20 5.33 15.30
CA SER A 3 25.78 3.93 15.21
C SER A 3 24.36 3.83 14.65
N GLY A 4 24.12 2.78 13.89
CA GLY A 4 22.80 2.57 13.31
C GLY A 4 22.83 1.63 12.12
N SER A 5 23.85 1.78 11.28
CA SER A 5 23.99 0.93 10.10
C SER A 5 23.52 -0.49 10.37
N SER A 6 22.41 -0.87 9.74
CA SER A 6 21.85 -2.20 9.91
C SER A 6 21.13 -2.66 8.65
N GLY A 7 21.11 -3.98 8.43
CA GLY A 7 20.46 -4.52 7.26
C GLY A 7 19.02 -4.05 7.13
N THR A 8 18.32 -4.57 6.13
CA THR A 8 16.93 -4.20 5.89
C THR A 8 16.04 -5.43 5.79
N GLY A 9 14.81 -5.30 6.29
CA GLY A 9 13.88 -6.41 6.24
C GLY A 9 12.82 -6.24 5.18
N GLU A 10 13.22 -6.38 3.91
CA GLU A 10 12.30 -6.23 2.81
C GLU A 10 11.26 -7.36 2.80
N LYS A 11 10.07 -7.07 3.32
CA LYS A 11 9.01 -8.06 3.37
C LYS A 11 8.46 -8.35 1.97
N PRO A 12 7.96 -9.59 1.79
CA PRO A 12 7.41 -10.02 0.50
C PRO A 12 6.10 -9.32 0.17
N TYR A 13 5.61 -8.50 1.09
CA TYR A 13 4.37 -7.78 0.90
C TYR A 13 4.57 -6.28 1.10
N LYS A 14 4.62 -5.53 0.00
CA LYS A 14 4.81 -4.09 0.05
C LYS A 14 3.87 -3.38 -0.90
N CYS A 15 3.11 -2.41 -0.39
CA CYS A 15 2.17 -1.66 -1.20
C CYS A 15 2.91 -0.80 -2.22
N ASN A 16 2.36 -0.74 -3.44
CA ASN A 16 2.96 0.04 -4.50
C ASN A 16 2.28 1.40 -4.63
N GLU A 17 1.03 1.47 -4.18
CA GLU A 17 0.27 2.72 -4.24
C GLU A 17 0.95 3.81 -3.42
N CYS A 18 1.18 3.52 -2.14
CA CYS A 18 1.81 4.48 -1.24
C CYS A 18 3.29 4.15 -1.06
N GLY A 19 3.59 2.86 -0.93
CA GLY A 19 4.97 2.44 -0.75
C GLY A 19 5.24 1.91 0.64
N LYS A 20 4.20 1.40 1.29
CA LYS A 20 4.33 0.85 2.63
C LYS A 20 4.61 -0.64 2.59
N VAL A 21 5.00 -1.20 3.74
CA VAL A 21 5.29 -2.63 3.83
C VAL A 21 4.56 -3.26 5.00
N PHE A 22 4.21 -4.54 4.85
CA PHE A 22 3.49 -5.26 5.90
C PHE A 22 4.07 -6.67 6.08
N ARG A 23 3.58 -7.38 7.07
CA ARG A 23 4.04 -8.73 7.36
C ARG A 23 3.21 -9.76 6.60
N HIS A 24 1.89 -9.70 6.79
CA HIS A 24 0.99 -10.63 6.12
C HIS A 24 0.11 -9.90 5.11
N ASN A 25 -0.33 -10.62 4.08
CA ASN A 25 -1.17 -10.04 3.05
C ASN A 25 -2.52 -9.62 3.62
N SER A 26 -3.20 -10.56 4.27
CA SER A 26 -4.50 -10.28 4.86
C SER A 26 -4.57 -8.85 5.39
N TYR A 27 -3.57 -8.46 6.17
CA TYR A 27 -3.52 -7.12 6.74
C TYR A 27 -3.38 -6.07 5.64
N LEU A 28 -2.40 -6.28 4.75
CA LEU A 28 -2.17 -5.35 3.65
C LEU A 28 -3.45 -5.09 2.87
N SER A 29 -4.10 -6.17 2.44
CA SER A 29 -5.34 -6.06 1.67
C SER A 29 -6.22 -4.96 2.23
N ARG A 30 -6.65 -5.11 3.48
CA ARG A 30 -7.50 -4.13 4.13
C ARG A 30 -6.99 -2.71 3.88
N HIS A 31 -5.68 -2.53 4.02
CA HIS A 31 -5.07 -1.22 3.81
C HIS A 31 -5.22 -0.78 2.35
N GLN A 32 -4.72 -1.61 1.44
CA GLN A 32 -4.79 -1.30 0.01
C GLN A 32 -6.13 -0.65 -0.33
N ARG A 33 -7.16 -0.98 0.44
CA ARG A 33 -8.49 -0.42 0.21
C ARG A 33 -8.42 1.09 0.00
N ILE A 34 -7.82 1.79 0.96
CA ILE A 34 -7.68 3.24 0.88
C ILE A 34 -7.35 3.68 -0.55
N HIS A 35 -6.71 2.79 -1.30
CA HIS A 35 -6.33 3.09 -2.68
C HIS A 35 -7.44 2.68 -3.65
N THR A 36 -8.69 2.94 -3.26
CA THR A 36 -9.83 2.60 -4.10
C THR A 36 -10.44 3.84 -4.75
N GLY A 37 -10.87 4.79 -3.92
CA GLY A 37 -11.46 6.00 -4.44
C GLY A 37 -12.83 6.29 -3.86
N GLU A 38 -12.88 6.47 -2.54
CA GLU A 38 -14.15 6.74 -1.86
C GLU A 38 -14.30 8.24 -1.59
N LYS A 39 -15.30 8.85 -2.22
CA LYS A 39 -15.56 10.27 -2.04
C LYS A 39 -15.65 10.63 -0.56
N PRO A 40 -15.11 11.80 -0.20
CA PRO A 40 -15.13 12.28 1.18
C PRO A 40 -16.53 12.68 1.64
N SER A 41 -17.19 13.51 0.84
CA SER A 41 -18.54 13.97 1.18
C SER A 41 -19.59 13.15 0.43
N GLY A 42 -20.47 12.50 1.19
CA GLY A 42 -21.51 11.69 0.58
C GLY A 42 -22.87 12.36 0.63
N PRO A 43 -23.71 12.07 -0.37
CA PRO A 43 -25.06 12.64 -0.45
C PRO A 43 -26.00 12.09 0.61
N SER A 44 -25.93 10.78 0.82
CA SER A 44 -26.78 10.12 1.82
C SER A 44 -25.93 9.48 2.92
N SER A 45 -25.58 10.27 3.92
CA SER A 45 -24.77 9.79 5.04
C SER A 45 -25.46 8.64 5.75
N GLY A 46 -24.73 7.56 5.95
CA GLY A 46 -25.28 6.39 6.62
C GLY A 46 -26.46 5.80 5.87
N GLY A 1 16.54 10.13 2.91
CA GLY A 1 16.96 9.04 3.77
C GLY A 1 17.90 8.06 3.07
N SER A 2 19.12 8.51 2.81
CA SER A 2 20.11 7.67 2.14
C SER A 2 20.61 6.58 3.07
N SER A 3 20.76 6.92 4.35
CA SER A 3 21.24 5.96 5.34
C SER A 3 20.59 4.59 5.15
N GLY A 4 21.38 3.53 5.27
CA GLY A 4 20.85 2.19 5.10
C GLY A 4 20.83 1.42 6.41
N SER A 5 19.64 1.05 6.85
CA SER A 5 19.47 0.31 8.10
C SER A 5 20.00 -1.12 7.94
N SER A 6 21.14 -1.40 8.57
CA SER A 6 21.74 -2.72 8.49
C SER A 6 21.08 -3.68 9.50
N GLY A 7 19.93 -4.22 9.10
CA GLY A 7 19.22 -5.14 9.97
C GLY A 7 18.24 -6.01 9.21
N THR A 8 17.01 -6.11 9.71
CA THR A 8 15.99 -6.92 9.07
C THR A 8 14.75 -6.09 8.74
N GLY A 9 14.72 -5.55 7.53
CA GLY A 9 13.60 -4.74 7.11
C GLY A 9 13.18 -5.02 5.67
N GLU A 10 12.85 -6.27 5.39
CA GLU A 10 12.43 -6.67 4.04
C GLU A 10 11.29 -7.68 4.11
N LYS A 11 10.14 -7.29 3.58
CA LYS A 11 8.96 -8.16 3.56
C LYS A 11 8.51 -8.43 2.14
N PRO A 12 8.00 -9.66 1.91
CA PRO A 12 7.52 -10.07 0.59
C PRO A 12 6.23 -9.36 0.19
N TYR A 13 5.66 -8.62 1.13
CA TYR A 13 4.42 -7.88 0.87
C TYR A 13 4.65 -6.38 1.00
N LYS A 14 4.51 -5.68 -0.12
CA LYS A 14 4.69 -4.22 -0.13
C LYS A 14 3.66 -3.55 -1.03
N CYS A 15 3.19 -2.39 -0.61
CA CYS A 15 2.20 -1.65 -1.38
C CYS A 15 2.88 -0.74 -2.41
N ASN A 16 2.34 -0.74 -3.62
CA ASN A 16 2.90 0.08 -4.69
C ASN A 16 2.18 1.43 -4.78
N GLU A 17 0.93 1.46 -4.35
CA GLU A 17 0.14 2.68 -4.36
C GLU A 17 0.80 3.77 -3.53
N CYS A 18 1.10 3.44 -2.27
CA CYS A 18 1.74 4.39 -1.36
C CYS A 18 3.21 4.03 -1.14
N GLY A 19 3.48 2.74 -1.02
CA GLY A 19 4.85 2.28 -0.80
C GLY A 19 5.01 1.50 0.48
N LYS A 20 4.16 1.81 1.47
CA LYS A 20 4.22 1.14 2.76
C LYS A 20 4.46 -0.36 2.57
N VAL A 21 4.98 -1.00 3.61
CA VAL A 21 5.26 -2.44 3.57
C VAL A 21 4.48 -3.18 4.64
N PHE A 22 4.19 -4.45 4.38
CA PHE A 22 3.46 -5.28 5.33
C PHE A 22 4.09 -6.67 5.45
N ARG A 23 3.74 -7.38 6.52
CA ARG A 23 4.26 -8.72 6.75
C ARG A 23 3.34 -9.78 6.16
N HIS A 24 2.03 -9.63 6.41
CA HIS A 24 1.04 -10.57 5.90
C HIS A 24 0.10 -9.89 4.92
N ASN A 25 -0.25 -10.61 3.86
CA ASN A 25 -1.16 -10.07 2.84
C ASN A 25 -2.48 -9.63 3.47
N SER A 26 -3.13 -10.54 4.17
CA SER A 26 -4.41 -10.25 4.82
C SER A 26 -4.44 -8.81 5.32
N TYR A 27 -3.48 -8.45 6.16
CA TYR A 27 -3.40 -7.10 6.70
C TYR A 27 -3.29 -6.06 5.59
N LEU A 28 -2.29 -6.23 4.73
CA LEU A 28 -2.08 -5.32 3.62
C LEU A 28 -3.38 -5.04 2.88
N SER A 29 -4.13 -6.10 2.59
CA SER A 29 -5.40 -5.96 1.89
C SER A 29 -6.24 -4.84 2.49
N ARG A 30 -6.63 -5.02 3.75
CA ARG A 30 -7.44 -4.01 4.45
C ARG A 30 -6.92 -2.61 4.18
N HIS A 31 -5.60 -2.49 4.09
CA HIS A 31 -4.97 -1.19 3.85
C HIS A 31 -5.17 -0.76 2.39
N GLN A 32 -4.66 -1.56 1.46
CA GLN A 32 -4.79 -1.27 0.04
C GLN A 32 -6.13 -0.61 -0.26
N ARG A 33 -7.15 -0.98 0.50
CA ARG A 33 -8.48 -0.42 0.32
C ARG A 33 -8.42 1.10 0.17
N ILE A 34 -7.78 1.76 1.12
CA ILE A 34 -7.65 3.21 1.09
C ILE A 34 -7.38 3.71 -0.32
N HIS A 35 -6.80 2.85 -1.15
CA HIS A 35 -6.48 3.20 -2.53
C HIS A 35 -7.61 2.79 -3.46
N THR A 36 -7.94 1.50 -3.46
CA THR A 36 -9.00 0.98 -4.31
C THR A 36 -10.37 1.33 -3.75
N GLY A 37 -10.94 2.44 -4.24
CA GLY A 37 -12.25 2.87 -3.78
C GLY A 37 -13.06 3.52 -4.88
N GLU A 38 -12.85 4.83 -5.07
CA GLU A 38 -13.57 5.57 -6.09
C GLU A 38 -13.52 4.86 -7.43
N LYS A 39 -14.64 4.24 -7.81
CA LYS A 39 -14.72 3.51 -9.07
C LYS A 39 -15.79 4.11 -9.97
N PRO A 40 -15.58 3.98 -11.29
CA PRO A 40 -16.51 4.51 -12.30
C PRO A 40 -17.83 3.75 -12.33
N SER A 41 -18.81 4.29 -13.03
CA SER A 41 -20.12 3.67 -13.13
C SER A 41 -19.99 2.16 -13.28
N GLY A 42 -20.77 1.42 -12.50
CA GLY A 42 -20.73 -0.03 -12.56
C GLY A 42 -19.43 -0.59 -12.02
N PRO A 43 -19.18 -0.37 -10.72
CA PRO A 43 -17.97 -0.84 -10.06
C PRO A 43 -17.96 -2.37 -9.89
N SER A 44 -19.07 -2.91 -9.44
CA SER A 44 -19.20 -4.35 -9.24
C SER A 44 -19.79 -5.03 -10.46
N SER A 45 -19.34 -4.61 -11.65
CA SER A 45 -19.83 -5.16 -12.90
C SER A 45 -21.35 -5.23 -12.91
N GLY A 46 -21.99 -4.17 -12.41
CA GLY A 46 -23.44 -4.12 -12.36
C GLY A 46 -23.97 -2.76 -11.95
N GLY A 1 14.19 7.38 -10.66
CA GLY A 1 15.58 7.82 -10.58
C GLY A 1 16.52 6.68 -10.26
N SER A 2 16.97 6.61 -9.01
CA SER A 2 17.90 5.56 -8.58
C SER A 2 17.29 4.18 -8.80
N SER A 3 18.14 3.18 -8.93
CA SER A 3 17.70 1.80 -9.14
C SER A 3 17.20 1.19 -7.84
N GLY A 4 18.04 1.19 -6.81
CA GLY A 4 17.67 0.63 -5.53
C GLY A 4 18.84 0.53 -4.58
N SER A 5 18.71 1.14 -3.41
CA SER A 5 19.78 1.11 -2.41
C SER A 5 19.78 -0.21 -1.65
N SER A 6 20.85 -0.47 -0.93
CA SER A 6 20.98 -1.71 -0.15
C SER A 6 19.66 -2.06 0.53
N GLY A 7 19.19 -1.18 1.40
CA GLY A 7 17.94 -1.40 2.10
C GLY A 7 18.03 -2.58 3.06
N THR A 8 17.76 -2.32 4.34
CA THR A 8 17.80 -3.36 5.36
C THR A 8 16.42 -3.63 5.93
N GLY A 9 15.87 -4.80 5.64
CA GLY A 9 14.56 -5.15 6.14
C GLY A 9 13.47 -4.94 5.10
N GLU A 10 13.08 -6.02 4.43
CA GLU A 10 12.05 -5.95 3.40
C GLU A 10 11.16 -7.20 3.43
N LYS A 11 9.87 -7.00 3.68
CA LYS A 11 8.93 -8.11 3.73
C LYS A 11 8.46 -8.49 2.34
N PRO A 12 7.93 -9.72 2.20
CA PRO A 12 7.44 -10.24 0.92
C PRO A 12 6.17 -9.53 0.46
N TYR A 13 5.57 -8.74 1.35
CA TYR A 13 4.35 -8.01 1.05
C TYR A 13 4.56 -6.51 1.21
N LYS A 14 4.48 -5.80 0.08
CA LYS A 14 4.65 -4.34 0.09
C LYS A 14 3.69 -3.67 -0.88
N CYS A 15 3.14 -2.54 -0.46
CA CYS A 15 2.20 -1.80 -1.30
C CYS A 15 2.93 -1.02 -2.38
N ASN A 16 2.33 -0.95 -3.57
CA ASN A 16 2.92 -0.22 -4.68
C ASN A 16 2.30 1.16 -4.82
N GLU A 17 1.03 1.28 -4.43
CA GLU A 17 0.32 2.55 -4.51
C GLU A 17 1.00 3.61 -3.65
N CYS A 18 1.27 3.26 -2.39
CA CYS A 18 1.90 4.17 -1.46
C CYS A 18 3.35 3.77 -1.20
N GLY A 19 3.57 2.47 -1.04
CA GLY A 19 4.91 1.97 -0.79
C GLY A 19 5.01 1.22 0.53
N LYS A 20 4.23 1.65 1.51
CA LYS A 20 4.23 1.02 2.82
C LYS A 20 4.39 -0.50 2.70
N VAL A 21 4.98 -1.10 3.73
CA VAL A 21 5.20 -2.54 3.73
C VAL A 21 4.39 -3.21 4.83
N PHE A 22 4.04 -4.48 4.61
CA PHE A 22 3.26 -5.23 5.59
C PHE A 22 3.84 -6.63 5.78
N ARG A 23 3.63 -7.20 6.97
CA ARG A 23 4.13 -8.53 7.28
C ARG A 23 3.38 -9.60 6.49
N HIS A 24 2.05 -9.54 6.56
CA HIS A 24 1.22 -10.51 5.84
C HIS A 24 0.35 -9.81 4.79
N ASN A 25 -0.23 -10.59 3.89
CA ASN A 25 -1.07 -10.04 2.84
C ASN A 25 -2.39 -9.52 3.41
N SER A 26 -3.02 -10.33 4.27
CA SER A 26 -4.28 -9.94 4.88
C SER A 26 -4.27 -8.47 5.28
N TYR A 27 -3.25 -8.06 6.00
CA TYR A 27 -3.13 -6.67 6.45
C TYR A 27 -3.02 -5.74 5.25
N LEU A 28 -2.21 -6.12 4.27
CA LEU A 28 -2.00 -5.32 3.07
C LEU A 28 -3.33 -5.11 2.34
N SER A 29 -3.94 -6.21 1.92
CA SER A 29 -5.21 -6.15 1.20
C SER A 29 -6.16 -5.15 1.85
N ARG A 30 -6.37 -5.30 3.16
CA ARG A 30 -7.26 -4.41 3.90
C ARG A 30 -6.80 -2.96 3.77
N HIS A 31 -5.50 -2.75 3.82
CA HIS A 31 -4.93 -1.41 3.71
C HIS A 31 -5.24 -0.81 2.34
N GLN A 32 -4.78 -1.49 1.29
CA GLN A 32 -5.01 -1.01 -0.07
C GLN A 32 -6.38 -0.38 -0.21
N ARG A 33 -7.33 -0.84 0.61
CA ARG A 33 -8.68 -0.31 0.58
C ARG A 33 -8.68 1.22 0.57
N ILE A 34 -7.91 1.80 1.48
CA ILE A 34 -7.83 3.25 1.58
C ILE A 34 -7.56 3.89 0.22
N HIS A 35 -6.94 3.10 -0.67
CA HIS A 35 -6.62 3.59 -2.01
C HIS A 35 -7.84 3.46 -2.93
N THR A 36 -8.50 2.31 -2.87
CA THR A 36 -9.68 2.07 -3.70
C THR A 36 -10.92 2.70 -3.10
N GLY A 37 -10.78 3.93 -2.61
CA GLY A 37 -11.90 4.63 -2.01
C GLY A 37 -12.99 4.95 -3.01
N GLU A 38 -13.24 6.24 -3.22
CA GLU A 38 -14.26 6.68 -4.16
C GLU A 38 -13.66 6.90 -5.54
N LYS A 39 -13.12 5.83 -6.12
CA LYS A 39 -12.52 5.90 -7.46
C LYS A 39 -13.33 5.09 -8.47
N PRO A 40 -14.40 5.71 -8.99
CA PRO A 40 -15.27 5.06 -9.99
C PRO A 40 -14.58 4.87 -11.33
N SER A 41 -13.61 5.72 -11.62
CA SER A 41 -12.87 5.66 -12.88
C SER A 41 -11.84 4.53 -12.84
N GLY A 42 -11.66 3.87 -13.97
CA GLY A 42 -10.71 2.78 -14.06
C GLY A 42 -11.31 1.51 -14.63
N PRO A 43 -11.64 1.54 -15.93
CA PRO A 43 -12.23 0.40 -16.62
C PRO A 43 -11.25 -0.75 -16.80
N SER A 44 -11.16 -1.61 -15.79
CA SER A 44 -10.26 -2.75 -15.83
C SER A 44 -10.82 -3.85 -16.72
N SER A 45 -10.31 -3.94 -17.94
CA SER A 45 -10.76 -4.96 -18.89
C SER A 45 -10.78 -6.33 -18.25
N GLY A 46 -11.25 -7.33 -19.00
CA GLY A 46 -11.31 -8.69 -18.49
C GLY A 46 -12.47 -8.88 -17.54
N GLY A 1 14.97 16.99 2.77
CA GLY A 1 15.76 15.85 2.35
C GLY A 1 15.86 14.78 3.41
N SER A 2 15.95 13.53 2.98
CA SER A 2 16.03 12.41 3.91
C SER A 2 17.41 12.35 4.57
N SER A 3 17.59 11.38 5.46
CA SER A 3 18.86 11.22 6.17
C SER A 3 19.64 10.04 5.60
N GLY A 4 18.98 8.89 5.49
CA GLY A 4 19.64 7.71 4.97
C GLY A 4 18.99 6.43 5.44
N SER A 5 19.48 5.30 4.95
CA SER A 5 18.93 4.00 5.31
C SER A 5 19.79 3.33 6.39
N SER A 6 19.15 2.90 7.47
CA SER A 6 19.85 2.26 8.56
C SER A 6 20.22 0.82 8.20
N GLY A 7 19.27 0.09 7.64
CA GLY A 7 19.51 -1.28 7.25
C GLY A 7 18.58 -2.26 7.94
N THR A 8 17.42 -2.52 7.31
CA THR A 8 16.44 -3.43 7.87
C THR A 8 15.90 -4.38 6.81
N GLY A 9 15.38 -5.52 7.24
CA GLY A 9 14.83 -6.49 6.32
C GLY A 9 13.65 -5.95 5.54
N GLU A 10 13.24 -6.69 4.50
CA GLU A 10 12.11 -6.28 3.68
C GLU A 10 11.09 -7.41 3.56
N LYS A 11 9.83 -7.08 3.82
CA LYS A 11 8.76 -8.07 3.75
C LYS A 11 8.38 -8.36 2.30
N PRO A 12 7.87 -9.57 2.06
CA PRO A 12 7.47 -10.00 0.72
C PRO A 12 6.22 -9.27 0.21
N TYR A 13 5.62 -8.48 1.10
CA TYR A 13 4.42 -7.73 0.75
C TYR A 13 4.64 -6.24 0.93
N LYS A 14 4.73 -5.51 -0.18
CA LYS A 14 4.94 -4.07 -0.14
C LYS A 14 3.96 -3.36 -1.07
N CYS A 15 3.16 -2.47 -0.50
CA CYS A 15 2.18 -1.71 -1.28
C CYS A 15 2.87 -0.85 -2.33
N ASN A 16 2.22 -0.70 -3.48
CA ASN A 16 2.77 0.10 -4.57
C ASN A 16 2.11 1.48 -4.63
N GLU A 17 0.81 1.52 -4.31
CA GLU A 17 0.07 2.76 -4.33
C GLU A 17 0.75 3.82 -3.49
N CYS A 18 1.04 3.48 -2.23
CA CYS A 18 1.70 4.41 -1.32
C CYS A 18 3.19 4.09 -1.20
N GLY A 19 3.51 2.80 -1.22
CA GLY A 19 4.89 2.38 -1.12
C GLY A 19 5.26 1.93 0.29
N LYS A 20 4.29 1.35 0.99
CA LYS A 20 4.51 0.87 2.34
C LYS A 20 4.81 -0.62 2.35
N VAL A 21 5.02 -1.18 3.54
CA VAL A 21 5.30 -2.60 3.68
C VAL A 21 4.54 -3.20 4.85
N PHE A 22 4.23 -4.49 4.75
CA PHE A 22 3.49 -5.18 5.80
C PHE A 22 4.07 -6.57 6.05
N ARG A 23 3.55 -7.26 7.05
CA ARG A 23 4.02 -8.60 7.39
C ARG A 23 3.24 -9.66 6.64
N HIS A 24 1.92 -9.66 6.81
CA HIS A 24 1.06 -10.62 6.14
C HIS A 24 0.21 -9.95 5.07
N ASN A 25 -0.20 -10.73 4.07
CA ASN A 25 -1.01 -10.19 2.98
C ASN A 25 -2.39 -9.76 3.48
N SER A 26 -3.09 -10.68 4.14
CA SER A 26 -4.42 -10.38 4.67
C SER A 26 -4.51 -8.94 5.15
N TYR A 27 -3.55 -8.53 5.97
CA TYR A 27 -3.52 -7.17 6.49
C TYR A 27 -3.38 -6.15 5.37
N LEU A 28 -2.45 -6.42 4.45
CA LEU A 28 -2.22 -5.52 3.32
C LEU A 28 -3.52 -5.25 2.57
N SER A 29 -4.29 -6.30 2.31
CA SER A 29 -5.56 -6.17 1.60
C SER A 29 -6.41 -5.06 2.20
N ARG A 30 -6.58 -5.10 3.52
CA ARG A 30 -7.37 -4.09 4.22
C ARG A 30 -6.81 -2.69 3.97
N HIS A 31 -5.50 -2.56 4.06
CA HIS A 31 -4.84 -1.28 3.83
C HIS A 31 -5.09 -0.78 2.40
N GLN A 32 -4.62 -1.55 1.43
CA GLN A 32 -4.79 -1.19 0.03
C GLN A 32 -6.14 -0.52 -0.20
N ARG A 33 -7.12 -0.88 0.61
CA ARG A 33 -8.47 -0.33 0.50
C ARG A 33 -8.42 1.19 0.34
N ILE A 34 -7.68 1.85 1.25
CA ILE A 34 -7.54 3.29 1.21
C ILE A 34 -7.30 3.79 -0.21
N HIS A 35 -6.69 2.94 -1.03
CA HIS A 35 -6.39 3.29 -2.42
C HIS A 35 -7.55 2.91 -3.34
N THR A 36 -7.89 1.62 -3.34
CA THR A 36 -8.98 1.12 -4.17
C THR A 36 -10.18 2.06 -4.12
N GLY A 37 -10.56 2.46 -2.91
CA GLY A 37 -11.69 3.36 -2.75
C GLY A 37 -11.77 4.41 -3.84
N GLU A 38 -10.72 5.22 -3.94
CA GLU A 38 -10.66 6.28 -4.95
C GLU A 38 -10.64 5.68 -6.36
N LYS A 39 -11.83 5.52 -6.94
CA LYS A 39 -11.95 4.97 -8.28
C LYS A 39 -13.24 5.43 -8.94
N PRO A 40 -13.24 5.50 -10.29
CA PRO A 40 -14.40 5.92 -11.06
C PRO A 40 -15.53 4.89 -11.02
N SER A 41 -16.60 5.17 -11.77
CA SER A 41 -17.74 4.27 -11.82
C SER A 41 -18.61 4.56 -13.04
N GLY A 42 -19.32 3.54 -13.51
CA GLY A 42 -20.18 3.70 -14.67
C GLY A 42 -20.51 2.38 -15.34
N PRO A 43 -19.73 2.02 -16.37
CA PRO A 43 -19.93 0.77 -17.11
C PRO A 43 -19.57 -0.45 -16.29
N SER A 44 -20.53 -0.95 -15.51
CA SER A 44 -20.32 -2.11 -14.67
C SER A 44 -21.64 -2.82 -14.39
N SER A 45 -21.61 -4.16 -14.43
CA SER A 45 -22.81 -4.96 -14.18
C SER A 45 -22.43 -6.36 -13.70
N GLY A 46 -23.38 -7.03 -13.07
CA GLY A 46 -23.14 -8.38 -12.58
C GLY A 46 -24.39 -9.22 -12.55
N GLY A 1 9.45 21.26 -11.01
CA GLY A 1 9.12 19.88 -10.67
C GLY A 1 9.38 19.58 -9.21
N SER A 2 9.65 18.32 -8.91
CA SER A 2 9.91 17.88 -7.55
C SER A 2 10.36 16.43 -7.50
N SER A 3 11.20 16.11 -6.52
CA SER A 3 11.71 14.75 -6.38
C SER A 3 11.03 14.03 -5.21
N GLY A 4 11.21 12.72 -5.15
CA GLY A 4 10.61 11.93 -4.09
C GLY A 4 11.61 11.03 -3.39
N SER A 5 11.11 10.17 -2.51
CA SER A 5 11.97 9.26 -1.77
C SER A 5 11.22 7.96 -1.44
N SER A 6 11.72 6.85 -1.95
CA SER A 6 11.11 5.55 -1.71
C SER A 6 12.17 4.46 -1.55
N GLY A 7 11.77 3.33 -0.99
CA GLY A 7 12.69 2.23 -0.78
C GLY A 7 12.00 0.89 -0.72
N THR A 8 12.55 -0.03 0.06
CA THR A 8 11.98 -1.36 0.21
C THR A 8 12.10 -1.86 1.65
N GLY A 9 11.09 -2.60 2.11
CA GLY A 9 11.11 -3.12 3.46
C GLY A 9 11.67 -4.53 3.52
N GLU A 10 11.48 -5.18 4.67
CA GLU A 10 11.97 -6.55 4.86
C GLU A 10 10.82 -7.55 4.82
N LYS A 11 9.89 -7.34 3.89
CA LYS A 11 8.74 -8.22 3.75
C LYS A 11 8.38 -8.42 2.28
N PRO A 12 7.93 -9.64 1.94
CA PRO A 12 7.55 -9.98 0.57
C PRO A 12 6.27 -9.28 0.13
N TYR A 13 5.60 -8.63 1.08
CA TYR A 13 4.37 -7.92 0.79
C TYR A 13 4.56 -6.41 0.94
N LYS A 14 4.65 -5.72 -0.19
CA LYS A 14 4.83 -4.28 -0.19
C LYS A 14 3.80 -3.59 -1.08
N CYS A 15 3.21 -2.51 -0.58
CA CYS A 15 2.20 -1.77 -1.33
C CYS A 15 2.84 -1.01 -2.49
N ASN A 16 2.10 -0.87 -3.58
CA ASN A 16 2.59 -0.18 -4.76
C ASN A 16 1.90 1.17 -4.91
N GLU A 17 0.68 1.27 -4.39
CA GLU A 17 -0.09 2.51 -4.47
C GLU A 17 0.54 3.60 -3.61
N CYS A 18 1.14 3.20 -2.49
CA CYS A 18 1.78 4.14 -1.58
C CYS A 18 3.21 3.73 -1.29
N GLY A 19 3.41 2.43 -1.06
CA GLY A 19 4.75 1.93 -0.77
C GLY A 19 4.81 1.17 0.55
N LYS A 20 4.01 1.61 1.52
CA LYS A 20 3.97 0.98 2.83
C LYS A 20 4.16 -0.54 2.70
N VAL A 21 5.04 -1.08 3.55
CA VAL A 21 5.31 -2.51 3.53
C VAL A 21 4.61 -3.22 4.68
N PHE A 22 4.23 -4.47 4.46
CA PHE A 22 3.55 -5.26 5.49
C PHE A 22 4.12 -6.67 5.57
N ARG A 23 3.75 -7.39 6.61
CA ARG A 23 4.23 -8.75 6.81
C ARG A 23 3.24 -9.77 6.27
N HIS A 24 1.98 -9.62 6.67
CA HIS A 24 0.93 -10.53 6.22
C HIS A 24 0.04 -9.87 5.18
N ASN A 25 -0.19 -10.57 4.07
CA ASN A 25 -1.02 -10.04 2.99
C ASN A 25 -2.34 -9.50 3.52
N SER A 26 -2.97 -10.26 4.42
CA SER A 26 -4.23 -9.85 5.01
C SER A 26 -4.21 -8.38 5.40
N TYR A 27 -3.12 -7.96 6.01
CA TYR A 27 -2.97 -6.57 6.44
C TYR A 27 -2.77 -5.65 5.23
N LEU A 28 -2.14 -6.18 4.20
CA LEU A 28 -1.88 -5.42 2.98
C LEU A 28 -3.17 -5.15 2.21
N SER A 29 -3.91 -6.21 1.93
CA SER A 29 -5.16 -6.10 1.19
C SER A 29 -6.11 -5.14 1.90
N ARG A 30 -6.33 -5.36 3.19
CA ARG A 30 -7.21 -4.50 3.98
C ARG A 30 -6.71 -3.06 4.00
N HIS A 31 -5.41 -2.89 3.72
CA HIS A 31 -4.81 -1.57 3.71
C HIS A 31 -5.03 -0.89 2.36
N GLN A 32 -4.54 -1.51 1.30
CA GLN A 32 -4.67 -0.96 -0.04
C GLN A 32 -6.05 -0.31 -0.22
N ARG A 33 -7.03 -0.80 0.53
CA ARG A 33 -8.38 -0.27 0.45
C ARG A 33 -8.38 1.25 0.49
N ILE A 34 -7.73 1.81 1.51
CA ILE A 34 -7.65 3.26 1.66
C ILE A 34 -7.39 3.94 0.33
N HIS A 35 -6.80 3.20 -0.61
CA HIS A 35 -6.49 3.72 -1.93
C HIS A 35 -7.67 3.56 -2.87
N THR A 36 -8.06 2.32 -3.13
CA THR A 36 -9.18 2.03 -4.00
C THR A 36 -10.44 2.72 -3.53
N GLY A 37 -10.76 3.87 -4.14
CA GLY A 37 -11.94 4.61 -3.77
C GLY A 37 -11.95 6.01 -4.35
N GLU A 38 -11.84 6.11 -5.67
CA GLU A 38 -11.83 7.40 -6.35
C GLU A 38 -11.98 7.22 -7.85
N LYS A 39 -12.17 8.33 -8.56
CA LYS A 39 -12.33 8.30 -10.01
C LYS A 39 -11.10 7.68 -10.67
N PRO A 40 -11.33 6.93 -11.76
CA PRO A 40 -10.26 6.27 -12.50
C PRO A 40 -9.38 7.26 -13.26
N SER A 41 -8.08 7.22 -12.97
CA SER A 41 -7.13 8.12 -13.62
C SER A 41 -6.45 7.42 -14.80
N GLY A 42 -7.20 6.60 -15.52
CA GLY A 42 -6.64 5.88 -16.65
C GLY A 42 -7.61 4.88 -17.23
N PRO A 43 -7.37 4.46 -18.48
CA PRO A 43 -8.21 3.48 -19.17
C PRO A 43 -8.08 2.08 -18.58
N SER A 44 -7.14 1.93 -17.64
CA SER A 44 -6.92 0.63 -17.00
C SER A 44 -8.19 0.14 -16.31
N SER A 45 -9.10 -0.43 -17.10
CA SER A 45 -10.35 -0.94 -16.57
C SER A 45 -10.65 -2.33 -17.11
N GLY A 46 -10.16 -3.35 -16.40
CA GLY A 46 -10.39 -4.72 -16.83
C GLY A 46 -9.76 -5.01 -18.19
N GLY A 1 9.63 15.42 0.03
CA GLY A 1 10.93 15.18 0.63
C GLY A 1 10.89 15.22 2.14
N SER A 2 12.06 15.30 2.76
CA SER A 2 12.15 15.35 4.22
C SER A 2 11.54 14.10 4.85
N SER A 3 11.84 12.94 4.26
CA SER A 3 11.31 11.67 4.75
C SER A 3 12.35 10.57 4.62
N GLY A 4 12.29 9.60 5.53
CA GLY A 4 13.23 8.49 5.50
C GLY A 4 13.17 7.64 6.75
N SER A 5 12.27 6.66 6.75
CA SER A 5 12.10 5.78 7.91
C SER A 5 12.70 4.40 7.62
N SER A 6 12.37 3.85 6.46
CA SER A 6 12.87 2.53 6.06
C SER A 6 14.29 2.63 5.51
N GLY A 7 14.89 1.48 5.26
CA GLY A 7 16.25 1.45 4.74
C GLY A 7 16.66 0.07 4.28
N THR A 8 16.92 -0.82 5.24
CA THR A 8 17.33 -2.19 4.92
C THR A 8 16.21 -3.18 5.21
N GLY A 9 16.26 -4.32 4.53
CA GLY A 9 15.24 -5.34 4.72
C GLY A 9 13.90 -4.93 4.16
N GLU A 10 13.08 -5.92 3.80
CA GLU A 10 11.77 -5.66 3.24
C GLU A 10 10.95 -6.95 3.13
N LYS A 11 9.73 -6.91 3.62
CA LYS A 11 8.84 -8.08 3.57
C LYS A 11 8.43 -8.39 2.13
N PRO A 12 7.96 -9.62 1.91
CA PRO A 12 7.51 -10.06 0.58
C PRO A 12 6.22 -9.39 0.14
N TYR A 13 5.65 -8.59 1.03
CA TYR A 13 4.41 -7.88 0.74
C TYR A 13 4.57 -6.38 0.95
N LYS A 14 4.73 -5.65 -0.15
CA LYS A 14 4.89 -4.20 -0.09
C LYS A 14 3.93 -3.50 -1.04
N CYS A 15 3.19 -2.52 -0.52
CA CYS A 15 2.23 -1.78 -1.33
C CYS A 15 2.94 -0.96 -2.40
N ASN A 16 2.30 -0.79 -3.55
CA ASN A 16 2.87 -0.03 -4.65
C ASN A 16 2.22 1.35 -4.74
N GLU A 17 0.98 1.45 -4.30
CA GLU A 17 0.25 2.71 -4.34
C GLU A 17 0.98 3.78 -3.53
N CYS A 18 1.22 3.50 -2.26
CA CYS A 18 1.91 4.43 -1.37
C CYS A 18 3.37 4.03 -1.19
N GLY A 19 3.62 2.73 -1.15
CA GLY A 19 4.98 2.23 -0.98
C GLY A 19 5.24 1.73 0.42
N LYS A 20 4.17 1.37 1.13
CA LYS A 20 4.28 0.86 2.49
C LYS A 20 4.53 -0.65 2.48
N VAL A 21 4.90 -1.18 3.65
CA VAL A 21 5.16 -2.61 3.78
C VAL A 21 4.42 -3.20 4.97
N PHE A 22 4.12 -4.48 4.91
CA PHE A 22 3.41 -5.17 5.98
C PHE A 22 4.01 -6.55 6.25
N ARG A 23 3.51 -7.22 7.27
CA ARG A 23 4.00 -8.56 7.62
C ARG A 23 3.16 -9.64 6.92
N HIS A 24 1.85 -9.57 7.10
CA HIS A 24 0.94 -10.55 6.50
C HIS A 24 0.20 -9.93 5.32
N ASN A 25 -0.15 -10.77 4.34
CA ASN A 25 -0.86 -10.30 3.15
C ASN A 25 -2.28 -9.88 3.50
N SER A 26 -3.04 -10.81 4.10
CA SER A 26 -4.42 -10.54 4.49
C SER A 26 -4.57 -9.09 4.96
N TYR A 27 -3.69 -8.66 5.85
CA TYR A 27 -3.74 -7.30 6.37
C TYR A 27 -3.52 -6.28 5.26
N LEU A 28 -2.46 -6.48 4.48
CA LEU A 28 -2.14 -5.58 3.38
C LEU A 28 -3.39 -5.24 2.58
N SER A 29 -4.19 -6.25 2.27
CA SER A 29 -5.41 -6.06 1.50
C SER A 29 -6.29 -4.98 2.14
N ARG A 30 -6.52 -5.11 3.45
CA ARG A 30 -7.33 -4.15 4.17
C ARG A 30 -6.82 -2.73 3.97
N HIS A 31 -5.50 -2.58 3.97
CA HIS A 31 -4.88 -1.27 3.78
C HIS A 31 -5.12 -0.75 2.36
N GLN A 32 -4.71 -1.54 1.38
CA GLN A 32 -4.88 -1.16 -0.02
C GLN A 32 -6.21 -0.48 -0.25
N ARG A 33 -7.19 -0.79 0.62
CA ARG A 33 -8.51 -0.19 0.51
C ARG A 33 -8.43 1.32 0.38
N ILE A 34 -7.68 1.95 1.30
CA ILE A 34 -7.52 3.40 1.28
C ILE A 34 -7.18 3.90 -0.12
N HIS A 35 -6.64 3.01 -0.94
CA HIS A 35 -6.27 3.37 -2.31
C HIS A 35 -7.41 3.06 -3.28
N THR A 36 -8.64 3.10 -2.78
CA THR A 36 -9.81 2.82 -3.59
C THR A 36 -11.10 3.16 -2.85
N GLY A 37 -12.23 3.03 -3.53
CA GLY A 37 -13.50 3.33 -2.92
C GLY A 37 -13.57 2.90 -1.46
N GLU A 38 -14.06 3.79 -0.61
CA GLU A 38 -14.17 3.49 0.81
C GLU A 38 -14.91 4.61 1.55
N LYS A 39 -15.99 4.25 2.22
CA LYS A 39 -16.79 5.22 2.97
C LYS A 39 -16.83 4.86 4.45
N PRO A 40 -16.86 5.90 5.31
CA PRO A 40 -16.92 5.71 6.77
C PRO A 40 -18.25 5.15 7.23
N SER A 41 -18.36 3.83 7.25
CA SER A 41 -19.59 3.17 7.68
C SER A 41 -19.69 3.14 9.20
N GLY A 42 -20.37 4.15 9.76
CA GLY A 42 -20.53 4.23 11.19
C GLY A 42 -20.93 5.62 11.65
N PRO A 43 -21.84 5.67 12.64
CA PRO A 43 -22.33 6.94 13.19
C PRO A 43 -21.27 7.67 14.00
N SER A 44 -21.66 8.77 14.62
CA SER A 44 -20.74 9.56 15.44
C SER A 44 -20.37 8.83 16.72
N SER A 45 -19.14 9.00 17.16
CA SER A 45 -18.67 8.36 18.39
C SER A 45 -18.54 9.37 19.53
N GLY A 46 -19.19 9.08 20.64
CA GLY A 46 -19.14 9.97 21.78
C GLY A 46 -17.92 9.73 22.65
N GLY A 1 19.10 13.56 -11.50
CA GLY A 1 18.28 13.08 -10.40
C GLY A 1 18.99 12.03 -9.58
N SER A 2 18.28 11.44 -8.63
CA SER A 2 18.84 10.41 -7.76
C SER A 2 18.68 9.03 -8.39
N SER A 3 19.66 8.15 -8.14
CA SER A 3 19.62 6.80 -8.67
C SER A 3 19.38 5.78 -7.57
N GLY A 4 18.20 5.17 -7.58
CA GLY A 4 17.87 4.18 -6.57
C GLY A 4 17.88 4.75 -5.17
N SER A 5 17.45 3.96 -4.20
CA SER A 5 17.39 4.40 -2.81
C SER A 5 18.11 3.40 -1.90
N SER A 6 18.22 3.75 -0.63
CA SER A 6 18.89 2.89 0.35
C SER A 6 17.88 1.97 1.05
N GLY A 7 17.89 0.70 0.65
CA GLY A 7 16.97 -0.26 1.25
C GLY A 7 15.51 0.09 1.00
N THR A 8 14.73 -0.89 0.56
CA THR A 8 13.32 -0.68 0.28
C THR A 8 12.56 -2.00 0.19
N GLY A 9 11.70 -2.26 1.16
CA GLY A 9 10.93 -3.49 1.16
C GLY A 9 11.63 -4.60 1.92
N GLU A 10 11.47 -4.62 3.24
CA GLU A 10 12.10 -5.64 4.07
C GLU A 10 11.18 -6.84 4.25
N LYS A 11 10.17 -6.94 3.39
CA LYS A 11 9.21 -8.04 3.44
C LYS A 11 8.64 -8.34 2.06
N PRO A 12 8.15 -9.58 1.88
CA PRO A 12 7.57 -10.01 0.61
C PRO A 12 6.23 -9.33 0.32
N TYR A 13 5.71 -8.61 1.30
CA TYR A 13 4.44 -7.91 1.15
C TYR A 13 4.63 -6.40 1.27
N LYS A 14 4.67 -5.73 0.12
CA LYS A 14 4.85 -4.28 0.09
C LYS A 14 3.86 -3.63 -0.87
N CYS A 15 3.15 -2.62 -0.38
CA CYS A 15 2.16 -1.91 -1.18
C CYS A 15 2.83 -1.19 -2.35
N ASN A 16 2.10 -1.08 -3.45
CA ASN A 16 2.62 -0.42 -4.65
C ASN A 16 2.02 0.97 -4.80
N GLU A 17 0.81 1.15 -4.28
CA GLU A 17 0.13 2.44 -4.36
C GLU A 17 0.90 3.51 -3.60
N CYS A 18 1.26 3.23 -2.36
CA CYS A 18 2.01 4.17 -1.54
C CYS A 18 3.44 3.69 -1.31
N GLY A 19 3.59 2.38 -1.10
CA GLY A 19 4.90 1.81 -0.87
C GLY A 19 5.01 1.11 0.46
N LYS A 20 4.19 1.53 1.42
CA LYS A 20 4.20 0.93 2.76
C LYS A 20 4.47 -0.57 2.67
N VAL A 21 5.02 -1.12 3.75
CA VAL A 21 5.33 -2.54 3.80
C VAL A 21 4.59 -3.22 4.95
N PHE A 22 4.19 -4.48 4.72
CA PHE A 22 3.46 -5.23 5.73
C PHE A 22 4.06 -6.63 5.90
N ARG A 23 3.57 -7.36 6.89
CA ARG A 23 4.06 -8.71 7.16
C ARG A 23 3.25 -9.74 6.39
N HIS A 24 1.93 -9.72 6.61
CA HIS A 24 1.03 -10.66 5.94
C HIS A 24 0.27 -9.97 4.80
N ASN A 25 -0.40 -10.76 3.98
CA ASN A 25 -1.17 -10.23 2.86
C ASN A 25 -2.53 -9.73 3.32
N SER A 26 -3.23 -10.55 4.08
CA SER A 26 -4.55 -10.20 4.58
C SER A 26 -4.56 -8.75 5.07
N TYR A 27 -3.63 -8.43 5.95
CA TYR A 27 -3.54 -7.08 6.51
C TYR A 27 -3.31 -6.05 5.41
N LEU A 28 -2.42 -6.38 4.47
CA LEU A 28 -2.11 -5.49 3.36
C LEU A 28 -3.37 -5.14 2.58
N SER A 29 -4.09 -6.16 2.11
CA SER A 29 -5.31 -5.96 1.35
C SER A 29 -6.19 -4.90 2.02
N ARG A 30 -6.43 -5.06 3.31
CA ARG A 30 -7.25 -4.12 4.06
C ARG A 30 -6.74 -2.70 3.90
N HIS A 31 -5.43 -2.53 3.99
CA HIS A 31 -4.81 -1.22 3.86
C HIS A 31 -5.03 -0.65 2.46
N GLN A 32 -4.53 -1.38 1.46
CA GLN A 32 -4.67 -0.95 0.07
C GLN A 32 -6.04 -0.34 -0.18
N ARG A 33 -7.02 -0.75 0.62
CA ARG A 33 -8.38 -0.24 0.49
C ARG A 33 -8.39 1.28 0.40
N ILE A 34 -7.74 1.93 1.36
CA ILE A 34 -7.67 3.38 1.39
C ILE A 34 -7.38 3.95 0.00
N HIS A 35 -6.77 3.13 -0.85
CA HIS A 35 -6.45 3.55 -2.21
C HIS A 35 -7.64 3.31 -3.15
N THR A 36 -8.84 3.58 -2.65
CA THR A 36 -10.05 3.40 -3.45
C THR A 36 -10.82 4.71 -3.58
N GLY A 37 -11.13 5.07 -4.82
CA GLY A 37 -11.86 6.30 -5.06
C GLY A 37 -11.66 6.82 -6.48
N GLU A 38 -11.16 8.04 -6.59
CA GLU A 38 -10.93 8.65 -7.90
C GLU A 38 -10.16 7.70 -8.82
N LYS A 39 -10.26 7.93 -10.12
CA LYS A 39 -9.58 7.10 -11.11
C LYS A 39 -8.15 6.80 -10.67
N PRO A 40 -7.60 5.69 -11.18
CA PRO A 40 -6.24 5.27 -10.85
C PRO A 40 -5.18 6.19 -11.47
N SER A 41 -3.95 6.10 -10.96
CA SER A 41 -2.86 6.92 -11.45
C SER A 41 -1.51 6.30 -11.11
N GLY A 42 -0.62 6.25 -12.10
CA GLY A 42 0.69 5.67 -11.89
C GLY A 42 0.98 4.53 -12.84
N PRO A 43 1.42 4.87 -14.07
CA PRO A 43 1.75 3.88 -15.09
C PRO A 43 2.99 3.07 -14.75
N SER A 44 3.06 1.84 -15.25
CA SER A 44 4.20 0.96 -15.00
C SER A 44 5.22 1.07 -16.12
N SER A 45 4.78 0.77 -17.34
CA SER A 45 5.66 0.81 -18.50
C SER A 45 7.04 0.28 -18.16
N GLY A 46 7.08 -0.81 -17.39
CA GLY A 46 8.34 -1.40 -17.01
C GLY A 46 8.72 -2.59 -17.89
N GLY A 1 14.43 10.13 -5.59
CA GLY A 1 14.71 10.32 -4.17
C GLY A 1 15.24 9.07 -3.51
N SER A 2 15.13 9.01 -2.19
CA SER A 2 15.61 7.86 -1.43
C SER A 2 14.71 7.59 -0.23
N SER A 3 13.99 6.47 -0.27
CA SER A 3 13.09 6.09 0.81
C SER A 3 13.74 6.35 2.17
N GLY A 4 12.90 6.59 3.18
CA GLY A 4 13.41 6.85 4.52
C GLY A 4 14.28 5.72 5.04
N SER A 5 13.65 4.60 5.40
CA SER A 5 14.37 3.46 5.93
C SER A 5 15.55 3.09 5.02
N SER A 6 16.63 2.62 5.63
CA SER A 6 17.82 2.24 4.87
C SER A 6 18.54 1.07 5.55
N GLY A 7 18.55 -0.07 4.86
CA GLY A 7 19.20 -1.25 5.40
C GLY A 7 18.45 -2.53 5.08
N THR A 8 19.15 -3.65 5.08
CA THR A 8 18.55 -4.95 4.78
C THR A 8 17.35 -5.21 5.68
N GLY A 9 16.22 -5.55 5.06
CA GLY A 9 15.01 -5.82 5.83
C GLY A 9 13.75 -5.59 5.02
N GLU A 10 13.60 -6.33 3.93
CA GLU A 10 12.43 -6.19 3.06
C GLU A 10 11.50 -7.38 3.22
N LYS A 11 10.20 -7.12 3.21
CA LYS A 11 9.20 -8.17 3.34
C LYS A 11 8.55 -8.49 2.00
N PRO A 12 8.01 -9.70 1.88
CA PRO A 12 7.35 -10.15 0.64
C PRO A 12 6.03 -9.43 0.41
N TYR A 13 5.62 -8.61 1.37
CA TYR A 13 4.37 -7.87 1.26
C TYR A 13 4.63 -6.36 1.34
N LYS A 14 4.55 -5.68 0.20
CA LYS A 14 4.76 -4.25 0.15
C LYS A 14 3.77 -3.58 -0.80
N CYS A 15 3.11 -2.54 -0.33
CA CYS A 15 2.14 -1.81 -1.14
C CYS A 15 2.83 -1.07 -2.28
N ASN A 16 2.10 -0.89 -3.38
CA ASN A 16 2.64 -0.20 -4.54
C ASN A 16 2.02 1.18 -4.69
N GLU A 17 0.77 1.32 -4.26
CA GLU A 17 0.07 2.60 -4.34
C GLU A 17 0.75 3.65 -3.48
N CYS A 18 1.12 3.26 -2.26
CA CYS A 18 1.79 4.18 -1.34
C CYS A 18 3.25 3.77 -1.12
N GLY A 19 3.48 2.47 -0.98
CA GLY A 19 4.82 1.97 -0.77
C GLY A 19 4.98 1.25 0.55
N LYS A 20 4.19 1.67 1.54
CA LYS A 20 4.24 1.06 2.86
C LYS A 20 4.39 -0.46 2.76
N VAL A 21 5.00 -1.06 3.78
CA VAL A 21 5.21 -2.50 3.80
C VAL A 21 4.48 -3.13 4.99
N PHE A 22 4.03 -4.37 4.80
CA PHE A 22 3.32 -5.09 5.86
C PHE A 22 3.90 -6.49 6.05
N ARG A 23 3.42 -7.19 7.06
CA ARG A 23 3.89 -8.54 7.36
C ARG A 23 3.11 -9.57 6.57
N HIS A 24 1.79 -9.58 6.74
CA HIS A 24 0.93 -10.52 6.04
C HIS A 24 0.09 -9.81 4.99
N ASN A 25 -0.54 -10.59 4.11
CA ASN A 25 -1.38 -10.02 3.05
C ASN A 25 -2.65 -9.43 3.64
N SER A 26 -3.36 -10.22 4.44
CA SER A 26 -4.60 -9.78 5.05
C SER A 26 -4.52 -8.30 5.42
N TYR A 27 -3.39 -7.90 5.99
CA TYR A 27 -3.20 -6.52 6.40
C TYR A 27 -2.93 -5.62 5.19
N LEU A 28 -2.16 -6.15 4.24
CA LEU A 28 -1.83 -5.40 3.03
C LEU A 28 -3.08 -5.09 2.23
N SER A 29 -3.84 -6.13 1.89
CA SER A 29 -5.06 -5.96 1.11
C SER A 29 -6.03 -5.04 1.82
N ARG A 30 -6.34 -5.36 3.08
CA ARG A 30 -7.26 -4.55 3.87
C ARG A 30 -6.77 -3.11 3.98
N HIS A 31 -5.50 -2.90 3.64
CA HIS A 31 -4.90 -1.57 3.70
C HIS A 31 -5.03 -0.86 2.35
N GLN A 32 -4.53 -1.51 1.30
CA GLN A 32 -4.59 -0.93 -0.04
C GLN A 32 -5.97 -0.39 -0.34
N ARG A 33 -7.00 -1.07 0.17
CA ARG A 33 -8.38 -0.66 -0.05
C ARG A 33 -8.54 0.84 0.19
N ILE A 34 -7.77 1.37 1.13
CA ILE A 34 -7.83 2.79 1.45
C ILE A 34 -7.66 3.65 0.20
N HIS A 35 -6.81 3.19 -0.72
CA HIS A 35 -6.56 3.91 -1.96
C HIS A 35 -7.73 3.75 -2.93
N THR A 36 -8.06 2.50 -3.25
CA THR A 36 -9.17 2.22 -4.17
C THR A 36 -10.50 2.21 -3.44
N GLY A 37 -10.67 3.16 -2.52
CA GLY A 37 -11.90 3.25 -1.77
C GLY A 37 -12.62 4.58 -1.97
N GLU A 38 -12.11 5.61 -1.30
CA GLU A 38 -12.71 6.95 -1.41
C GLU A 38 -11.97 7.79 -2.44
N LYS A 39 -11.66 7.18 -3.58
CA LYS A 39 -10.95 7.89 -4.65
C LYS A 39 -11.16 7.19 -5.98
N PRO A 40 -11.34 7.98 -7.05
CA PRO A 40 -11.54 7.46 -8.41
C PRO A 40 -10.29 6.81 -8.97
N SER A 41 -10.48 5.80 -9.82
CA SER A 41 -9.35 5.10 -10.43
C SER A 41 -8.85 5.85 -11.66
N GLY A 42 -7.81 6.66 -11.46
CA GLY A 42 -7.25 7.42 -12.56
C GLY A 42 -7.41 8.91 -12.37
N PRO A 43 -6.55 9.52 -11.54
CA PRO A 43 -6.58 10.94 -11.26
C PRO A 43 -6.16 11.79 -12.46
N SER A 44 -5.09 11.36 -13.13
CA SER A 44 -4.58 12.07 -14.29
C SER A 44 -4.74 13.58 -14.12
N SER A 45 -4.44 14.07 -12.93
CA SER A 45 -4.55 15.49 -12.63
C SER A 45 -3.47 15.93 -11.64
N GLY A 46 -2.96 17.14 -11.82
CA GLY A 46 -1.93 17.66 -10.94
C GLY A 46 -0.56 17.08 -11.24
#